data_6M5O
#
_entry.id   6M5O
#
_cell.length_a   159.840
_cell.length_b   159.840
_cell.length_c   211.210
_cell.angle_alpha   90.000
_cell.angle_beta   90.000
_cell.angle_gamma   120.000
#
_symmetry.space_group_name_H-M   'P 65 2 2'
#
loop_
_entity.id
_entity.type
_entity.pdbx_description
1 polymer 'Serine hydroxymethyltransferase, mitochondrial'
2 non-polymer '(3ALPHA,5BETA,12ALPHA)-3,12-DIHYDROXYCHOLAN-24-OIC ACID'
3 non-polymer GLYCINE
4 water water
#
_entity_poly.entity_id   1
_entity_poly.type   'polypeptide(L)'
_entity_poly.pdbx_seq_one_letter_code
;MGSSHHHHHHSSGLVPRGSGQLVRMAIRAQHSNAAQTQTGEANRGWTGQESLSDSDPEMWELLQREKDRQCRGLELIASE
NFCSRAALEALGSCLNNKYSEGYPGKRYYGGAEVVDEIELLCQRRALEAFDLDPAQWGVNVQPYSGSPANLAVYTALLQP
HDRIMGLDLPDGGHLTHGYMSDVKRISATSIFFESMPYKLNPKTGLIDYNQLALTARLFRPRLIIAGTSAYARLIDYARM
REVCDEVKAHLLADMAHISGLVAAKVIPSPFKHADIVTTTTH(LLP)TLRGARSGLIFYRKGVKAVDPKTGREIPYTFED
RINFAVFPSLQGGPHNHAIAAVAVALKQACTPMFREYSLQVLKNARAMADALLERGYSLVSGGTDNHLVLVDLRPKGLDG
ARAERVLELVSITANKNTCPGDRSAITPGGLRLGAPALTSRQFREDDFRRVVDFIDEGVNIGLEVKSKTAKLQDFKSFLL
KDSETSQRLANLRQRVEQFARAFPMPGFDEH
;
_entity_poly.pdbx_strand_id   A,B
#
# COMPACT_ATOMS: atom_id res chain seq x y z
N TRP A 46 10.89 14.51 24.51
CA TRP A 46 10.55 13.95 23.21
C TRP A 46 9.41 14.72 22.55
N THR A 47 9.71 15.34 21.40
CA THR A 47 8.72 16.11 20.67
C THR A 47 8.30 15.44 19.36
N GLY A 48 8.91 14.31 19.01
CA GLY A 48 8.75 13.81 17.66
C GLY A 48 9.10 14.81 16.58
N GLN A 49 9.91 15.82 16.92
CA GLN A 49 10.43 16.76 15.96
C GLN A 49 11.92 16.58 15.74
N GLU A 50 12.53 15.60 16.39
CA GLU A 50 13.96 15.37 16.21
C GLU A 50 14.23 14.80 14.81
N SER A 51 15.42 15.09 14.31
CA SER A 51 15.83 14.61 13.00
C SER A 51 16.20 13.14 13.07
N LEU A 52 16.16 12.49 11.90
CA LEU A 52 16.47 11.07 11.83
C LEU A 52 17.92 10.79 12.21
N SER A 53 18.87 11.60 11.68
CA SER A 53 20.28 11.36 12.00
C SER A 53 20.55 11.47 13.49
N ASP A 54 19.83 12.35 14.20
CA ASP A 54 19.97 12.45 15.65
C ASP A 54 19.32 11.27 16.37
N SER A 55 18.06 10.98 16.05
CA SER A 55 17.28 10.05 16.87
C SER A 55 17.45 8.59 16.48
N ASP A 56 17.85 8.27 15.26
CA ASP A 56 18.06 6.87 14.85
C ASP A 56 19.29 6.76 13.97
N PRO A 57 20.49 6.89 14.56
CA PRO A 57 21.69 6.85 13.72
C PRO A 57 21.88 5.54 12.96
N GLU A 58 21.43 4.41 13.52
CA GLU A 58 21.53 3.15 12.78
C GLU A 58 20.74 3.19 11.47
N MET A 59 19.52 3.74 11.52
CA MET A 59 18.72 3.86 10.30
C MET A 59 19.30 4.91 9.35
N TRP A 60 19.71 6.07 9.91
CA TRP A 60 20.32 7.11 9.11
C TRP A 60 21.52 6.59 8.32
N GLU A 61 22.36 5.78 8.95
CA GLU A 61 23.51 5.20 8.26
C GLU A 61 23.04 4.28 7.14
N LEU A 62 21.97 3.51 7.37
CA LEU A 62 21.44 2.66 6.30
C LEU A 62 20.97 3.51 5.12
N LEU A 63 20.20 4.57 5.39
CA LEU A 63 19.77 5.44 4.28
C LEU A 63 20.96 5.95 3.49
N GLN A 64 22.06 6.29 4.17
CA GLN A 64 23.19 6.88 3.46
C GLN A 64 23.90 5.85 2.61
N ARG A 65 23.97 4.61 3.09
CA ARG A 65 24.59 3.56 2.28
C ARG A 65 23.80 3.32 1.00
N GLU A 66 22.46 3.26 1.12
CA GLU A 66 21.60 3.06 -0.05
C GLU A 66 21.73 4.23 -1.01
N LYS A 67 21.74 5.45 -0.47
CA LYS A 67 21.94 6.62 -1.32
C LYS A 67 23.26 6.53 -2.08
N ASP A 68 24.34 6.16 -1.38
CA ASP A 68 25.62 5.98 -2.07
C ASP A 68 25.52 4.87 -3.11
N ARG A 69 24.86 3.77 -2.77
CA ARG A 69 24.70 2.68 -3.73
C ARG A 69 23.95 3.16 -4.98
N GLN A 70 22.89 3.93 -4.79
CA GLN A 70 22.17 4.46 -5.95
C GLN A 70 23.05 5.42 -6.77
N CYS A 71 23.84 6.27 -6.09
CA CYS A 71 24.63 7.25 -6.84
C CYS A 71 25.79 6.62 -7.62
N ARG A 72 26.41 5.56 -7.09
CA ARG A 72 27.57 4.94 -7.75
C ARG A 72 27.19 3.82 -8.72
N GLY A 73 25.96 3.33 -8.73
CA GLY A 73 25.60 2.22 -9.57
C GLY A 73 25.09 2.62 -10.95
N LEU A 74 25.22 1.71 -11.90
CA LEU A 74 24.55 1.87 -13.18
C LEU A 74 23.26 1.08 -13.05
N GLU A 75 22.15 1.78 -12.87
CA GLU A 75 20.88 1.15 -12.54
C GLU A 75 20.09 0.89 -13.82
N LEU A 76 19.98 -0.39 -14.20
CA LEU A 76 19.33 -0.78 -15.45
C LEU A 76 18.12 -1.69 -15.25
N ILE A 77 17.61 -1.83 -14.03
CA ILE A 77 16.37 -2.57 -13.83
C ILE A 77 15.22 -1.77 -14.42
N ALA A 78 14.57 -2.34 -15.43
CA ALA A 78 13.65 -1.58 -16.26
C ALA A 78 12.49 -1.01 -15.45
N SER A 79 12.21 -1.56 -14.28
CA SER A 79 11.13 -1.08 -13.42
C SER A 79 11.55 0.05 -12.50
N GLU A 80 12.81 0.46 -12.51
CA GLU A 80 13.30 1.47 -11.57
C GLU A 80 13.30 2.87 -12.18
N ASN A 81 13.21 3.84 -11.30
CA ASN A 81 13.42 5.23 -11.65
C ASN A 81 13.91 5.95 -10.40
N PHE A 82 14.24 7.22 -10.54
CA PHE A 82 14.70 8.05 -9.43
C PHE A 82 13.69 9.17 -9.23
N CYS A 83 13.03 9.14 -8.10
CA CYS A 83 11.91 10.02 -7.82
C CYS A 83 12.38 11.42 -7.45
N SER A 84 11.65 12.42 -7.93
CA SER A 84 12.04 13.80 -7.68
C SER A 84 11.91 14.14 -6.20
N ARG A 85 12.73 15.09 -5.76
CA ARG A 85 12.66 15.52 -4.37
C ARG A 85 11.29 16.09 -4.05
N ALA A 86 10.70 16.83 -5.00
CA ALA A 86 9.43 17.48 -4.74
C ALA A 86 8.34 16.46 -4.40
N ALA A 87 8.25 15.39 -5.19
CA ALA A 87 7.30 14.32 -4.86
C ALA A 87 7.66 13.66 -3.52
N LEU A 88 8.96 13.38 -3.30
CA LEU A 88 9.32 12.75 -2.02
C LEU A 88 8.99 13.64 -0.83
N GLU A 89 9.08 14.96 -0.98
CA GLU A 89 8.72 15.82 0.15
C GLU A 89 7.24 15.68 0.48
N ALA A 90 6.39 15.57 -0.54
CA ALA A 90 4.97 15.30 -0.28
C ALA A 90 4.78 13.93 0.35
N LEU A 91 5.59 12.95 -0.05
CA LEU A 91 5.46 11.59 0.50
C LEU A 91 5.71 11.58 2.00
N GLY A 92 6.69 12.34 2.47
CA GLY A 92 7.03 12.30 3.87
C GLY A 92 6.49 13.51 4.59
N SER A 93 5.20 13.73 4.47
CA SER A 93 4.55 14.91 5.02
C SER A 93 3.47 14.51 6.03
N CYS A 94 2.87 15.52 6.66
CA CYS A 94 1.84 15.29 7.66
C CYS A 94 0.56 14.74 7.06
N LEU A 95 0.47 14.66 5.73
CA LEU A 95 -0.62 13.93 5.11
C LEU A 95 -0.68 12.49 5.61
N ASN A 96 0.45 11.96 6.10
CA ASN A 96 0.44 10.62 6.69
C ASN A 96 -0.49 10.53 7.88
N ASN A 97 -0.78 11.64 8.56
CA ASN A 97 -1.54 11.56 9.79
C ASN A 97 -3.05 11.50 9.56
N LYS A 98 -3.55 11.77 8.36
CA LYS A 98 -4.97 12.02 8.15
C LYS A 98 -5.69 10.77 7.66
N TYR A 99 -6.63 10.26 8.47
CA TYR A 99 -7.57 9.23 8.03
C TYR A 99 -8.74 9.86 7.27
N SER A 100 -9.00 9.36 6.06
CA SER A 100 -10.05 9.92 5.23
C SER A 100 -10.77 8.81 4.46
N GLU A 101 -11.15 7.75 5.17
CA GLU A 101 -11.86 6.64 4.54
C GLU A 101 -13.03 7.14 3.70
N GLY A 102 -13.15 6.59 2.49
CA GLY A 102 -14.19 7.07 1.59
C GLY A 102 -13.64 7.85 0.42
N TYR A 103 -14.40 8.80 -0.09
CA TYR A 103 -14.02 9.55 -1.28
C TYR A 103 -14.31 11.01 -1.04
N PRO A 104 -13.77 11.92 -1.85
CA PRO A 104 -14.07 13.34 -1.69
C PRO A 104 -15.56 13.59 -1.55
N GLY A 105 -15.94 14.35 -0.52
CA GLY A 105 -17.32 14.71 -0.29
C GLY A 105 -18.18 13.55 0.18
N LYS A 106 -17.75 12.32 -0.10
CA LYS A 106 -18.46 11.15 0.37
C LYS A 106 -17.69 10.45 1.47
N ARG A 107 -17.23 11.21 2.46
CA ARG A 107 -16.49 10.64 3.58
C ARG A 107 -17.44 10.18 4.69
N TYR A 108 -16.88 9.41 5.60
CA TYR A 108 -17.61 8.92 6.75
C TYR A 108 -17.38 9.75 8.01
N TYR A 109 -16.44 10.71 7.97
CA TYR A 109 -16.26 11.68 9.05
C TYR A 109 -15.61 12.93 8.47
N GLY A 110 -15.34 13.89 9.35
CA GLY A 110 -14.91 15.21 8.95
C GLY A 110 -13.40 15.36 8.96
N GLY A 111 -12.96 16.61 8.83
CA GLY A 111 -11.54 16.93 8.83
C GLY A 111 -10.87 16.73 7.50
N ALA A 112 -11.67 16.56 6.44
CA ALA A 112 -11.22 16.20 5.10
C ALA A 112 -11.17 17.38 4.15
N GLU A 113 -11.44 18.60 4.62
CA GLU A 113 -11.39 19.80 3.78
C GLU A 113 -10.21 19.81 2.81
N VAL A 114 -8.99 19.62 3.32
CA VAL A 114 -7.80 19.77 2.46
C VAL A 114 -7.52 18.47 1.71
N VAL A 115 -7.56 17.36 2.43
CA VAL A 115 -7.41 16.03 1.81
C VAL A 115 -8.37 15.86 0.64
N ASP A 116 -9.61 16.36 0.76
CA ASP A 116 -10.52 16.29 -0.37
C ASP A 116 -9.98 17.05 -1.57
N GLU A 117 -9.45 18.26 -1.34
CA GLU A 117 -8.93 19.02 -2.47
C GLU A 117 -7.74 18.33 -3.12
N ILE A 118 -6.91 17.68 -2.30
CA ILE A 118 -5.71 17.01 -2.83
C ILE A 118 -6.11 15.84 -3.73
N GLU A 119 -6.96 14.94 -3.21
CA GLU A 119 -7.42 13.81 -4.01
C GLU A 119 -8.12 14.28 -5.28
N LEU A 120 -8.97 15.30 -5.16
CA LEU A 120 -9.63 15.80 -6.36
C LEU A 120 -8.60 16.38 -7.32
N LEU A 121 -7.56 17.05 -6.78
CA LEU A 121 -6.52 17.59 -7.63
C LEU A 121 -5.73 16.47 -8.30
N CYS A 122 -5.41 15.41 -7.55
CA CYS A 122 -4.68 14.30 -8.15
C CYS A 122 -5.48 13.67 -9.28
N GLN A 123 -6.80 13.52 -9.09
CA GLN A 123 -7.65 13.01 -10.17
C GLN A 123 -7.54 13.87 -11.42
N ARG A 124 -7.65 15.20 -11.25
CA ARG A 124 -7.56 16.09 -12.41
C ARG A 124 -6.21 15.97 -13.09
N ARG A 125 -5.12 16.03 -12.32
CA ARG A 125 -3.80 15.94 -12.95
C ARG A 125 -3.62 14.59 -13.65
N ALA A 126 -4.20 13.53 -13.09
CA ALA A 126 -4.13 12.21 -13.72
C ALA A 126 -4.82 12.20 -15.09
N LEU A 127 -6.09 12.64 -15.14
CA LEU A 127 -6.76 12.72 -16.43
C LEU A 127 -6.01 13.62 -17.39
N GLU A 128 -5.46 14.72 -16.89
CA GLU A 128 -4.79 15.66 -17.78
C GLU A 128 -3.46 15.10 -18.28
N ALA A 129 -2.72 14.40 -17.43
CA ALA A 129 -1.44 13.83 -17.86
C ALA A 129 -1.62 12.88 -19.04
N PHE A 130 -2.76 12.18 -19.10
CA PHE A 130 -3.02 11.23 -20.16
C PHE A 130 -4.03 11.76 -21.17
N ASP A 131 -4.36 13.05 -21.09
CA ASP A 131 -5.12 13.77 -22.11
C ASP A 131 -6.51 13.15 -22.28
N LEU A 132 -7.22 13.02 -21.17
CA LEU A 132 -8.47 12.27 -21.10
C LEU A 132 -9.63 13.22 -20.83
N ASP A 133 -10.68 13.06 -21.60
CA ASP A 133 -11.90 13.83 -21.39
C ASP A 133 -12.60 13.39 -20.11
N PRO A 134 -12.79 14.27 -19.12
CA PRO A 134 -13.42 13.85 -17.85
C PRO A 134 -14.85 13.36 -18.03
N ALA A 135 -15.50 13.70 -19.15
CA ALA A 135 -16.81 13.14 -19.44
C ALA A 135 -16.70 11.70 -19.89
N GLN A 136 -15.57 11.32 -20.47
CA GLN A 136 -15.35 9.98 -21.00
C GLN A 136 -14.55 9.07 -20.07
N TRP A 137 -13.82 9.64 -19.09
CA TRP A 137 -12.88 8.87 -18.30
C TRP A 137 -12.94 9.31 -16.85
N GLY A 138 -12.93 8.33 -15.96
CA GLY A 138 -12.78 8.61 -14.54
C GLY A 138 -11.51 7.94 -14.04
N VAL A 139 -11.03 8.32 -12.86
CA VAL A 139 -9.81 7.77 -12.30
C VAL A 139 -9.94 7.64 -10.79
N ASN A 140 -9.47 6.52 -10.26
CA ASN A 140 -9.35 6.28 -8.83
C ASN A 140 -7.86 6.32 -8.48
N VAL A 141 -7.49 7.16 -7.49
CA VAL A 141 -6.09 7.40 -7.15
C VAL A 141 -5.70 6.78 -5.80
N GLN A 142 -6.55 5.93 -5.24
CA GLN A 142 -6.26 5.36 -3.93
C GLN A 142 -5.53 4.01 -3.90
N PRO A 143 -5.43 3.24 -4.99
CA PRO A 143 -4.73 1.93 -4.89
C PRO A 143 -3.34 2.09 -4.28
N TYR A 144 -3.03 1.22 -3.31
CA TYR A 144 -1.76 1.34 -2.60
C TYR A 144 -0.55 1.11 -3.51
N SER A 145 -0.72 0.39 -4.60
CA SER A 145 0.40 0.07 -5.49
C SER A 145 -0.18 -0.50 -6.78
N GLY A 146 0.71 -1.01 -7.65
CA GLY A 146 0.25 -1.54 -8.92
C GLY A 146 -0.55 -2.82 -8.77
N SER A 147 -0.06 -3.75 -7.94
CA SER A 147 -0.76 -5.01 -7.71
C SER A 147 -2.14 -4.80 -7.08
N PRO A 148 -2.30 -4.03 -6.01
CA PRO A 148 -3.65 -3.75 -5.52
C PRO A 148 -4.59 -3.19 -6.59
N ALA A 149 -4.10 -2.34 -7.49
CA ALA A 149 -4.99 -1.75 -8.50
C ALA A 149 -5.62 -2.82 -9.37
N ASN A 150 -4.85 -3.85 -9.74
CA ASN A 150 -5.39 -4.92 -10.58
C ASN A 150 -6.40 -5.77 -9.81
N LEU A 151 -6.05 -6.17 -8.58
CA LEU A 151 -7.01 -6.94 -7.80
C LEU A 151 -8.30 -6.16 -7.60
N ALA A 152 -8.22 -4.84 -7.49
CA ALA A 152 -9.46 -4.08 -7.36
C ALA A 152 -10.29 -4.13 -8.64
N VAL A 153 -9.65 -4.10 -9.80
CA VAL A 153 -10.39 -4.19 -11.06
C VAL A 153 -11.09 -5.53 -11.16
N TYR A 154 -10.39 -6.63 -10.81
CA TYR A 154 -11.00 -7.93 -10.91
C TYR A 154 -12.21 -8.01 -9.99
N THR A 155 -12.04 -7.67 -8.71
CA THR A 155 -13.16 -7.78 -7.78
C THR A 155 -14.30 -6.88 -8.21
N ALA A 156 -14.00 -5.68 -8.69
CA ALA A 156 -15.04 -4.80 -9.22
C ALA A 156 -15.85 -5.46 -10.34
N LEU A 157 -15.17 -6.10 -11.30
CA LEU A 157 -15.85 -6.47 -12.56
C LEU A 157 -16.19 -7.95 -12.69
N LEU A 158 -15.56 -8.82 -11.92
CA LEU A 158 -15.69 -10.26 -12.10
C LEU A 158 -16.24 -10.90 -10.83
N GLN A 159 -16.89 -12.05 -11.01
CA GLN A 159 -17.25 -12.91 -9.89
C GLN A 159 -16.09 -13.83 -9.54
N PRO A 160 -15.97 -14.24 -8.29
CA PRO A 160 -14.98 -15.27 -7.97
C PRO A 160 -15.03 -16.39 -9.01
N HIS A 161 -13.86 -16.85 -9.46
CA HIS A 161 -13.70 -17.92 -10.44
C HIS A 161 -14.09 -17.55 -11.85
N ASP A 162 -14.51 -16.31 -12.11
CA ASP A 162 -14.59 -15.86 -13.49
C ASP A 162 -13.22 -15.95 -14.16
N ARG A 163 -13.23 -15.96 -15.48
CA ARG A 163 -12.06 -16.29 -16.28
C ARG A 163 -11.31 -15.05 -16.77
N ILE A 164 -9.98 -15.14 -16.75
CA ILE A 164 -9.07 -14.07 -17.07
C ILE A 164 -7.95 -14.64 -17.93
N MET A 165 -7.55 -13.90 -18.95
CA MET A 165 -6.35 -14.24 -19.72
C MET A 165 -5.35 -13.09 -19.68
N GLY A 166 -4.08 -13.43 -19.41
CA GLY A 166 -2.99 -12.48 -19.50
C GLY A 166 -1.79 -13.15 -20.15
N LEU A 167 -0.79 -12.33 -20.48
CA LEU A 167 0.43 -12.87 -21.06
C LEU A 167 1.13 -13.79 -20.07
N ASP A 168 1.53 -14.97 -20.54
CA ASP A 168 2.13 -15.97 -19.68
C ASP A 168 3.35 -15.38 -18.98
N LEU A 169 3.53 -15.74 -17.69
CA LEU A 169 4.57 -15.06 -16.90
C LEU A 169 5.96 -15.27 -17.47
N PRO A 170 6.40 -16.49 -17.82
CA PRO A 170 7.73 -16.62 -18.47
C PRO A 170 7.83 -15.91 -19.82
N ASP A 171 6.70 -15.57 -20.44
CA ASP A 171 6.69 -14.82 -21.68
C ASP A 171 6.73 -13.31 -21.47
N GLY A 172 6.70 -12.84 -20.23
CA GLY A 172 6.83 -11.43 -19.97
C GLY A 172 5.63 -10.78 -19.33
N GLY A 173 4.59 -11.54 -19.00
CA GLY A 173 3.46 -11.02 -18.26
C GLY A 173 3.85 -10.69 -16.82
N HIS A 174 2.88 -10.16 -16.08
CA HIS A 174 3.06 -9.84 -14.68
C HIS A 174 2.30 -10.85 -13.81
N LEU A 175 2.85 -11.11 -12.62
CA LEU A 175 2.20 -12.03 -11.68
C LEU A 175 0.72 -11.72 -11.48
N THR A 176 0.34 -10.44 -11.42
CA THR A 176 -1.06 -10.18 -11.15
C THR A 176 -1.97 -10.54 -12.32
N HIS A 177 -1.44 -10.97 -13.45
CA HIS A 177 -2.25 -11.35 -14.61
C HIS A 177 -2.60 -12.82 -14.56
N GLY A 178 -2.11 -13.53 -13.56
CA GLY A 178 -2.41 -14.93 -13.36
C GLY A 178 -1.17 -15.76 -13.48
N TYR A 179 -0.97 -16.70 -12.57
CA TYR A 179 0.06 -17.70 -12.81
C TYR A 179 -0.20 -18.92 -11.96
N MET A 180 -0.10 -20.09 -12.57
CA MET A 180 -0.13 -21.37 -11.87
C MET A 180 1.03 -22.20 -12.39
N SER A 181 1.72 -22.88 -11.47
CA SER A 181 2.59 -23.96 -11.87
C SER A 181 1.74 -25.20 -12.15
N ASP A 182 2.35 -26.32 -12.49
CA ASP A 182 1.54 -27.50 -12.72
C ASP A 182 1.03 -28.12 -11.43
N VAL A 183 1.37 -27.54 -10.26
CA VAL A 183 0.97 -28.12 -8.98
C VAL A 183 0.51 -27.08 -7.97
N LYS A 184 0.51 -25.80 -8.33
CA LYS A 184 0.16 -24.79 -7.33
C LYS A 184 -0.37 -23.53 -8.00
N ARG A 185 -1.41 -22.96 -7.37
CA ARG A 185 -1.94 -21.64 -7.73
C ARG A 185 -1.10 -20.59 -7.03
N ILE A 186 -0.26 -19.88 -7.77
CA ILE A 186 0.75 -19.02 -7.18
C ILE A 186 0.26 -17.58 -7.05
N SER A 187 -0.27 -16.99 -8.11
CA SER A 187 -0.88 -15.68 -8.04
C SER A 187 -2.24 -15.72 -7.35
N ALA A 188 -2.51 -14.72 -6.50
CA ALA A 188 -3.85 -14.64 -5.94
C ALA A 188 -4.89 -14.48 -7.03
N THR A 189 -4.51 -13.92 -8.16
CA THR A 189 -5.44 -13.85 -9.29
C THR A 189 -5.91 -15.23 -9.72
N SER A 190 -5.05 -16.23 -9.58
CA SER A 190 -5.33 -17.60 -9.99
C SER A 190 -5.95 -18.42 -8.88
N ILE A 191 -6.05 -17.85 -7.68
CA ILE A 191 -6.76 -18.47 -6.59
C ILE A 191 -8.21 -18.05 -6.58
N PHE A 192 -8.44 -16.74 -6.70
CA PHE A 192 -9.78 -16.19 -6.61
C PHE A 192 -10.48 -16.15 -7.95
N PHE A 193 -9.73 -16.22 -9.05
CA PHE A 193 -10.28 -16.19 -10.39
C PHE A 193 -9.63 -17.32 -11.20
N GLU A 194 -10.15 -17.55 -12.40
CA GLU A 194 -9.67 -18.64 -13.25
C GLU A 194 -8.89 -18.02 -14.40
N SER A 195 -7.57 -18.19 -14.37
CA SER A 195 -6.67 -17.61 -15.35
C SER A 195 -6.16 -18.68 -16.30
N MET A 196 -5.93 -18.27 -17.54
CA MET A 196 -5.26 -19.06 -18.58
C MET A 196 -4.42 -18.05 -19.36
N PRO A 197 -3.17 -18.36 -19.63
CA PRO A 197 -2.30 -17.41 -20.33
C PRO A 197 -2.42 -17.49 -21.85
N TYR A 198 -2.03 -16.39 -22.49
CA TYR A 198 -1.69 -16.42 -23.91
C TYR A 198 -0.19 -16.22 -24.06
N LYS A 199 0.32 -16.51 -25.25
CA LYS A 199 1.76 -16.74 -25.39
C LYS A 199 2.37 -15.88 -26.47
N LEU A 200 3.70 -15.73 -26.39
CA LEU A 200 4.51 -15.21 -27.50
C LEU A 200 4.59 -16.21 -28.65
N ASN A 201 4.72 -15.68 -29.86
CA ASN A 201 5.20 -16.50 -30.96
C ASN A 201 6.72 -16.63 -30.86
N PRO A 202 7.25 -17.78 -30.49
CA PRO A 202 8.70 -17.88 -30.25
C PRO A 202 9.53 -17.61 -31.48
N LYS A 203 8.93 -17.64 -32.66
CA LYS A 203 9.66 -17.33 -33.88
C LYS A 203 9.92 -15.85 -33.99
N THR A 204 8.97 -15.01 -33.59
CA THR A 204 9.12 -13.58 -33.72
C THR A 204 9.39 -12.88 -32.39
N GLY A 205 9.26 -13.58 -31.26
CA GLY A 205 9.28 -12.93 -29.97
C GLY A 205 8.14 -11.95 -29.75
N LEU A 206 7.12 -11.96 -30.62
CA LEU A 206 5.98 -11.06 -30.46
C LEU A 206 4.75 -11.80 -29.91
N ILE A 207 3.85 -11.02 -29.28
CA ILE A 207 2.58 -11.60 -28.83
C ILE A 207 1.89 -12.28 -29.99
N ASP A 208 1.47 -13.53 -29.79
CA ASP A 208 0.80 -14.25 -30.87
C ASP A 208 -0.68 -13.91 -30.84
N TYR A 209 -1.04 -12.80 -31.49
CA TYR A 209 -2.43 -12.36 -31.48
C TYR A 209 -3.36 -13.38 -32.13
N ASN A 210 -2.88 -14.15 -33.10
CA ASN A 210 -3.78 -15.10 -33.77
C ASN A 210 -4.16 -16.22 -32.82
N GLN A 211 -3.19 -16.73 -32.08
CA GLN A 211 -3.49 -17.77 -31.11
C GLN A 211 -4.30 -17.23 -29.93
N LEU A 212 -4.03 -15.99 -29.50
CA LEU A 212 -4.91 -15.40 -28.49
C LEU A 212 -6.36 -15.46 -28.97
N ALA A 213 -6.62 -14.98 -30.19
CA ALA A 213 -7.97 -14.99 -30.72
C ALA A 213 -8.55 -16.41 -30.69
N LEU A 214 -7.82 -17.36 -31.25
CA LEU A 214 -8.31 -18.72 -31.34
C LEU A 214 -8.65 -19.28 -29.96
N THR A 215 -7.82 -18.95 -29.01
CA THR A 215 -7.88 -19.54 -27.69
C THR A 215 -8.90 -18.83 -26.80
N ALA A 216 -9.09 -17.52 -26.98
CA ALA A 216 -10.13 -16.82 -26.26
C ALA A 216 -11.52 -17.30 -26.69
N ARG A 217 -11.68 -17.67 -27.96
CA ARG A 217 -13.01 -18.13 -28.40
C ARG A 217 -13.43 -19.38 -27.65
N LEU A 218 -12.48 -20.22 -27.28
CA LEU A 218 -12.72 -21.45 -26.56
C LEU A 218 -12.82 -21.21 -25.05
N PHE A 219 -11.86 -20.49 -24.48
CA PHE A 219 -11.86 -20.24 -23.04
C PHE A 219 -12.97 -19.26 -22.63
N ARG A 220 -13.30 -18.31 -23.47
CA ARG A 220 -14.35 -17.35 -23.16
C ARG A 220 -14.01 -16.53 -21.91
N PRO A 221 -12.87 -15.83 -21.90
CA PRO A 221 -12.54 -15.01 -20.73
C PRO A 221 -13.56 -13.90 -20.52
N ARG A 222 -13.79 -13.56 -19.25
CA ARG A 222 -14.54 -12.34 -18.93
C ARG A 222 -13.66 -11.10 -18.98
N LEU A 223 -12.35 -11.26 -18.83
CA LEU A 223 -11.41 -10.15 -18.84
C LEU A 223 -10.13 -10.58 -19.53
N ILE A 224 -9.64 -9.78 -20.48
CA ILE A 224 -8.35 -10.00 -21.12
C ILE A 224 -7.43 -8.83 -20.78
N ILE A 225 -6.21 -9.15 -20.38
CA ILE A 225 -5.25 -8.16 -19.87
C ILE A 225 -4.21 -7.89 -20.96
N ALA A 226 -4.08 -6.63 -21.35
CA ALA A 226 -3.02 -6.17 -22.27
C ALA A 226 -2.04 -5.32 -21.48
N GLY A 227 -0.86 -5.87 -21.21
CA GLY A 227 0.17 -5.19 -20.45
C GLY A 227 1.28 -6.14 -20.06
N THR A 228 2.51 -5.65 -19.88
CA THR A 228 3.66 -6.53 -19.75
C THR A 228 4.63 -6.05 -18.67
N SER A 229 5.42 -7.01 -18.18
CA SER A 229 6.61 -6.73 -17.39
C SER A 229 7.88 -6.74 -18.22
N ALA A 230 7.97 -7.60 -19.26
CA ALA A 230 9.21 -7.78 -20.00
C ALA A 230 8.87 -8.00 -21.48
N TYR A 231 8.62 -6.90 -22.19
CA TYR A 231 8.24 -6.91 -23.59
C TYR A 231 8.80 -5.65 -24.21
N ALA A 232 9.58 -5.81 -25.28
CA ALA A 232 10.26 -4.66 -25.88
C ALA A 232 9.45 -4.02 -26.99
N ARG A 233 8.25 -4.50 -27.25
CA ARG A 233 7.52 -4.01 -28.41
C ARG A 233 6.20 -3.39 -27.98
N LEU A 234 5.58 -2.64 -28.90
CA LEU A 234 4.29 -2.04 -28.65
C LEU A 234 3.19 -3.08 -28.81
N ILE A 235 2.22 -3.04 -27.92
CA ILE A 235 1.10 -3.98 -27.91
C ILE A 235 0.04 -3.53 -28.90
N ASP A 236 -0.53 -4.48 -29.63
CA ASP A 236 -1.57 -4.18 -30.62
C ASP A 236 -2.92 -4.09 -29.91
N TYR A 237 -3.15 -2.95 -29.26
CA TYR A 237 -4.37 -2.78 -28.48
C TYR A 237 -5.61 -2.89 -29.36
N ALA A 238 -5.52 -2.44 -30.62
CA ALA A 238 -6.68 -2.55 -31.51
C ALA A 238 -7.05 -4.02 -31.72
N ARG A 239 -6.04 -4.85 -32.02
CA ARG A 239 -6.28 -6.27 -32.19
C ARG A 239 -6.85 -6.90 -30.92
N MET A 240 -6.29 -6.56 -29.75
CA MET A 240 -6.86 -7.01 -28.48
C MET A 240 -8.30 -6.55 -28.32
N ARG A 241 -8.59 -5.31 -28.72
CA ARG A 241 -9.96 -4.81 -28.67
C ARG A 241 -10.89 -5.68 -29.51
N GLU A 242 -10.47 -6.06 -30.71
CA GLU A 242 -11.31 -6.92 -31.55
C GLU A 242 -11.53 -8.27 -30.90
N VAL A 243 -10.48 -8.86 -30.33
CA VAL A 243 -10.67 -10.14 -29.65
C VAL A 243 -11.63 -9.96 -28.48
N CYS A 244 -11.48 -8.89 -27.70
CA CYS A 244 -12.40 -8.70 -26.58
C CYS A 244 -13.83 -8.47 -27.06
N ASP A 245 -14.01 -7.69 -28.13
CA ASP A 245 -15.36 -7.46 -28.66
C ASP A 245 -16.00 -8.77 -29.12
N GLU A 246 -15.22 -9.65 -29.75
CA GLU A 246 -15.78 -10.89 -30.24
C GLU A 246 -16.28 -11.77 -29.10
N VAL A 247 -15.46 -12.00 -28.07
CA VAL A 247 -15.85 -12.92 -26.99
C VAL A 247 -16.57 -12.20 -25.86
N LYS A 248 -16.81 -10.90 -25.98
CA LYS A 248 -17.50 -10.12 -24.95
C LYS A 248 -16.73 -10.14 -23.62
N ALA A 249 -15.44 -9.83 -23.70
CA ALA A 249 -14.61 -9.62 -22.53
C ALA A 249 -14.35 -8.13 -22.34
N HIS A 250 -14.07 -7.74 -21.10
CA HIS A 250 -13.48 -6.42 -20.85
C HIS A 250 -12.02 -6.44 -21.27
N LEU A 251 -11.55 -5.34 -21.85
CA LEU A 251 -10.13 -5.17 -22.12
C LEU A 251 -9.52 -4.29 -21.03
N LEU A 252 -8.61 -4.87 -20.25
CA LEU A 252 -7.82 -4.14 -19.25
C LEU A 252 -6.43 -3.89 -19.83
N ALA A 253 -6.07 -2.61 -19.94
CA ALA A 253 -4.69 -2.24 -20.28
C ALA A 253 -3.96 -1.95 -18.98
N ASP A 254 -2.93 -2.75 -18.69
CA ASP A 254 -2.08 -2.58 -17.52
C ASP A 254 -0.77 -1.96 -18.02
N MET A 255 -0.71 -0.63 -18.04
CA MET A 255 0.38 0.07 -18.69
C MET A 255 1.52 0.44 -17.73
N ALA A 256 1.69 -0.32 -16.63
CA ALA A 256 2.64 0.06 -15.58
C ALA A 256 4.01 0.44 -16.13
N HIS A 257 4.59 -0.39 -17.00
CA HIS A 257 5.96 -0.15 -17.44
C HIS A 257 6.09 1.06 -18.35
N ILE A 258 5.03 1.37 -19.12
CA ILE A 258 5.11 2.32 -20.24
C ILE A 258 4.34 3.59 -19.97
N SER A 259 3.75 3.75 -18.79
CA SER A 259 2.81 4.85 -18.58
C SER A 259 3.47 6.21 -18.79
N GLY A 260 4.73 6.35 -18.39
CA GLY A 260 5.40 7.62 -18.63
C GLY A 260 5.49 7.92 -20.12
N LEU A 261 5.86 6.91 -20.92
CA LEU A 261 5.90 7.08 -22.36
C LEU A 261 4.52 7.41 -22.92
N VAL A 262 3.47 6.82 -22.35
CA VAL A 262 2.12 7.12 -22.82
C VAL A 262 1.75 8.56 -22.50
N ALA A 263 1.95 8.99 -21.24
CA ALA A 263 1.71 10.39 -20.85
C ALA A 263 2.41 11.37 -21.79
N ALA A 264 3.69 11.14 -22.08
CA ALA A 264 4.47 12.00 -22.97
C ALA A 264 4.05 11.90 -24.44
N LYS A 265 3.13 11.00 -24.80
CA LYS A 265 2.69 10.82 -26.20
C LYS A 265 3.84 10.41 -27.12
N VAL A 266 4.86 9.70 -26.60
CA VAL A 266 5.92 9.20 -27.46
C VAL A 266 5.64 7.80 -27.98
N ILE A 267 4.61 7.12 -27.46
CA ILE A 267 4.10 5.87 -28.02
C ILE A 267 2.59 5.92 -27.99
N PRO A 268 1.92 5.05 -28.78
CA PRO A 268 0.45 5.07 -28.81
C PRO A 268 -0.17 4.78 -27.46
N SER A 269 -1.35 5.37 -27.23
CA SER A 269 -2.03 5.28 -25.94
C SER A 269 -2.98 4.09 -25.91
N PRO A 270 -2.95 3.26 -24.86
CA PRO A 270 -3.98 2.21 -24.76
C PRO A 270 -5.37 2.75 -24.45
N PHE A 271 -5.48 4.00 -23.98
CA PHE A 271 -6.78 4.59 -23.73
C PHE A 271 -7.64 4.69 -24.98
N LYS A 272 -7.03 4.59 -26.16
CA LYS A 272 -7.81 4.60 -27.39
C LYS A 272 -8.65 3.34 -27.54
N HIS A 273 -8.30 2.26 -26.86
CA HIS A 273 -8.95 0.97 -27.09
C HIS A 273 -9.38 0.25 -25.84
N ALA A 274 -8.87 0.59 -24.67
CA ALA A 274 -9.16 -0.21 -23.48
C ALA A 274 -10.39 0.33 -22.77
N ASP A 275 -11.10 -0.57 -22.09
CA ASP A 275 -12.17 -0.19 -21.19
C ASP A 275 -11.63 0.34 -19.86
N ILE A 276 -10.60 -0.33 -19.35
CA ILE A 276 -9.99 -0.07 -18.05
C ILE A 276 -8.48 0.04 -18.24
N VAL A 277 -7.84 0.97 -17.54
CA VAL A 277 -6.38 1.10 -17.56
C VAL A 277 -5.89 1.19 -16.13
N THR A 278 -5.04 0.25 -15.72
CA THR A 278 -4.35 0.34 -14.46
C THR A 278 -2.88 0.70 -14.70
N THR A 279 -2.27 1.31 -13.70
CA THR A 279 -0.83 1.54 -13.78
C THR A 279 -0.25 1.70 -12.38
N THR A 280 1.06 1.47 -12.29
CA THR A 280 1.83 2.00 -11.17
C THR A 280 2.00 3.50 -11.36
N THR A 281 2.41 4.19 -10.29
CA THR A 281 2.76 5.60 -10.42
C THR A 281 4.27 5.81 -10.38
N HIS A 282 5.04 4.74 -10.19
CA HIS A 282 6.47 4.79 -10.29
C HIS A 282 6.85 4.29 -11.69
N THR A 284 8.09 4.28 -15.28
CA THR A 284 8.40 5.39 -16.17
C THR A 284 7.67 6.70 -15.81
N LEU A 285 6.63 6.64 -14.96
CA LEU A 285 5.97 7.87 -14.53
C LEU A 285 6.80 8.63 -13.50
N ARG A 286 7.79 7.97 -12.88
CA ARG A 286 8.78 8.64 -12.04
C ARG A 286 8.14 9.22 -10.78
N GLY A 287 7.08 8.60 -10.28
CA GLY A 287 6.44 9.04 -9.06
C GLY A 287 6.80 8.19 -7.86
N ALA A 288 6.15 8.51 -6.75
CA ALA A 288 6.25 7.61 -5.60
C ALA A 288 5.43 6.35 -5.87
N ARG A 289 5.65 5.32 -5.05
CA ARG A 289 4.94 4.05 -5.25
C ARG A 289 3.49 4.17 -4.79
N SER A 290 2.59 3.94 -5.74
CA SER A 290 1.13 4.03 -5.58
C SER A 290 0.54 3.38 -6.83
N GLY A 291 -0.79 3.51 -7.01
CA GLY A 291 -1.43 2.97 -8.19
C GLY A 291 -2.59 3.82 -8.66
N LEU A 292 -3.03 3.55 -9.89
CA LEU A 292 -4.16 4.25 -10.47
C LEU A 292 -5.04 3.26 -11.22
N ILE A 293 -6.36 3.48 -11.18
CA ILE A 293 -7.30 2.80 -12.06
C ILE A 293 -8.03 3.86 -12.88
N PHE A 294 -7.93 3.77 -14.19
CA PHE A 294 -8.73 4.58 -15.08
C PHE A 294 -9.88 3.71 -15.63
N TYR A 295 -11.05 4.33 -15.78
CA TYR A 295 -12.23 3.65 -16.29
C TYR A 295 -13.00 4.57 -17.23
N ARG A 296 -13.54 3.99 -18.30
CA ARG A 296 -14.46 4.74 -19.16
C ARG A 296 -15.73 5.11 -18.40
N LYS A 297 -16.32 6.24 -18.76
CA LYS A 297 -17.62 6.61 -18.22
C LYS A 297 -18.44 7.32 -19.29
N GLY A 298 -19.72 7.56 -18.95
CA GLY A 298 -20.66 8.18 -19.85
C GLY A 298 -21.39 7.15 -20.70
N VAL A 299 -21.78 7.59 -21.90
CA VAL A 299 -22.56 6.75 -22.79
C VAL A 299 -21.61 5.81 -23.53
N LYS A 300 -21.83 4.50 -23.36
CA LYS A 300 -21.06 3.51 -24.10
C LYS A 300 -21.55 3.33 -25.53
N ALA A 301 -22.88 3.30 -25.74
CA ALA A 301 -23.43 3.00 -27.05
C ALA A 301 -24.95 3.21 -27.00
N VAL A 302 -25.56 3.13 -28.19
CA VAL A 302 -27.02 3.28 -28.34
C VAL A 302 -27.62 1.91 -28.65
N ASP A 303 -28.89 1.76 -28.28
CA ASP A 303 -29.59 0.49 -28.46
C ASP A 303 -30.07 0.36 -29.90
N PRO A 304 -29.67 -0.71 -30.63
CA PRO A 304 -30.26 -0.95 -31.96
C PRO A 304 -31.73 -1.31 -31.88
N LYS A 305 -32.58 -0.28 -31.79
CA LYS A 305 -34.04 -0.41 -31.77
C LYS A 305 -34.65 0.88 -31.23
N THR A 306 -34.30 1.24 -30.00
CA THR A 306 -34.64 2.54 -29.43
C THR A 306 -33.36 3.18 -28.92
N GLY A 307 -33.28 4.51 -29.01
CA GLY A 307 -32.11 5.23 -28.55
C GLY A 307 -31.56 4.69 -27.24
N ARG A 308 -32.45 4.52 -26.26
CA ARG A 308 -32.15 3.87 -24.99
C ARG A 308 -30.97 4.49 -24.25
N GLU A 309 -29.78 4.47 -24.86
CA GLU A 309 -28.54 4.91 -24.22
C GLU A 309 -27.99 3.79 -23.33
N ILE A 310 -26.87 3.21 -23.71
CA ILE A 310 -26.21 2.15 -22.93
C ILE A 310 -25.05 2.76 -22.21
N PRO A 311 -25.10 2.99 -20.89
CA PRO A 311 -24.02 3.66 -20.18
C PRO A 311 -22.94 2.68 -19.73
N TYR A 312 -21.76 3.24 -19.48
CA TYR A 312 -20.73 2.46 -18.82
C TYR A 312 -21.10 2.26 -17.36
N THR A 313 -20.78 1.08 -16.83
CA THR A 313 -21.05 0.72 -15.46
C THR A 313 -19.77 0.46 -14.66
N PHE A 314 -18.66 1.12 -15.03
CA PHE A 314 -17.40 0.87 -14.35
C PHE A 314 -17.24 1.74 -13.11
N GLU A 315 -17.57 3.04 -13.24
CA GLU A 315 -17.23 3.99 -12.18
C GLU A 315 -17.59 3.46 -10.79
N ASP A 316 -18.86 3.11 -10.58
CA ASP A 316 -19.31 2.76 -9.23
C ASP A 316 -18.68 1.46 -8.74
N ARG A 317 -18.55 0.48 -9.63
CA ARG A 317 -18.00 -0.80 -9.19
C ARG A 317 -16.51 -0.68 -8.86
N ILE A 318 -15.74 0.03 -9.70
CA ILE A 318 -14.31 0.24 -9.43
C ILE A 318 -14.13 0.92 -8.07
N ASN A 319 -14.77 2.08 -7.89
CA ASN A 319 -14.59 2.83 -6.65
C ASN A 319 -15.07 2.03 -5.43
N PHE A 320 -16.13 1.21 -5.61
CA PHE A 320 -16.63 0.42 -4.49
C PHE A 320 -15.68 -0.72 -4.13
N ALA A 321 -15.08 -1.33 -5.15
CA ALA A 321 -14.12 -2.40 -4.90
C ALA A 321 -12.89 -1.88 -4.15
N VAL A 322 -12.38 -0.71 -4.54
CA VAL A 322 -11.19 -0.15 -3.87
C VAL A 322 -11.47 0.06 -2.40
N PHE A 323 -12.61 0.72 -2.12
CA PHE A 323 -13.11 0.96 -0.78
C PHE A 323 -14.63 1.10 -0.90
N PRO A 324 -15.41 0.38 -0.08
CA PRO A 324 -15.06 -0.40 1.12
C PRO A 324 -14.53 -1.84 0.96
N SER A 325 -14.52 -2.42 -0.25
CA SER A 325 -14.33 -3.87 -0.34
C SER A 325 -12.93 -4.30 0.03
N LEU A 326 -11.90 -3.62 -0.51
CA LEU A 326 -10.54 -4.14 -0.40
C LEU A 326 -9.63 -3.33 0.52
N GLN A 327 -9.60 -2.01 0.39
CA GLN A 327 -8.59 -1.24 1.09
C GLN A 327 -9.14 -0.56 2.35
N GLY A 328 -8.22 0.01 3.13
CA GLY A 328 -8.59 0.82 4.28
C GLY A 328 -8.53 2.31 4.00
N GLY A 329 -7.96 3.08 4.92
CA GLY A 329 -7.82 4.48 4.69
C GLY A 329 -6.82 4.74 3.58
N PRO A 330 -7.09 5.76 2.74
CA PRO A 330 -6.13 6.15 1.71
C PRO A 330 -4.79 6.53 2.31
N HIS A 331 -3.75 6.46 1.48
CA HIS A 331 -2.43 6.97 1.85
C HIS A 331 -2.29 8.34 1.22
N ASN A 332 -2.75 9.36 1.96
CA ASN A 332 -2.82 10.70 1.38
C ASN A 332 -1.44 11.28 1.07
N HIS A 333 -0.42 10.91 1.83
CA HIS A 333 0.92 11.36 1.47
C HIS A 333 1.32 10.80 0.11
N ALA A 334 0.99 9.53 -0.15
CA ALA A 334 1.27 8.97 -1.46
C ALA A 334 0.45 9.66 -2.55
N ILE A 335 -0.83 9.91 -2.27
CA ILE A 335 -1.71 10.57 -3.25
C ILE A 335 -1.14 11.92 -3.63
N ALA A 336 -0.66 12.69 -2.64
CA ALA A 336 -0.07 13.99 -2.95
C ALA A 336 1.21 13.83 -3.77
N ALA A 337 2.10 12.94 -3.33
CA ALA A 337 3.32 12.69 -4.09
C ALA A 337 2.98 12.36 -5.54
N VAL A 338 1.94 11.54 -5.73
CA VAL A 338 1.50 11.20 -7.08
C VAL A 338 1.07 12.46 -7.83
N ALA A 339 0.23 13.28 -7.19
CA ALA A 339 -0.17 14.52 -7.84
C ALA A 339 1.04 15.33 -8.29
N VAL A 340 2.10 15.35 -7.48
CA VAL A 340 3.31 16.08 -7.85
C VAL A 340 3.93 15.45 -9.09
N ALA A 341 4.18 14.14 -9.05
CA ALA A 341 4.74 13.48 -10.22
C ALA A 341 3.84 13.68 -11.44
N LEU A 342 2.53 13.66 -11.25
CA LEU A 342 1.63 13.77 -12.40
C LEU A 342 1.76 15.13 -13.09
N LYS A 343 1.86 16.21 -12.31
CA LYS A 343 2.01 17.52 -12.93
C LYS A 343 3.31 17.59 -13.72
N GLN A 344 4.41 17.08 -13.16
CA GLN A 344 5.68 17.02 -13.89
C GLN A 344 5.51 16.28 -15.21
N ALA A 345 4.66 15.26 -15.23
CA ALA A 345 4.50 14.45 -16.43
C ALA A 345 3.80 15.19 -17.56
N CYS A 346 3.09 16.29 -17.25
CA CYS A 346 2.42 17.10 -18.28
C CYS A 346 3.36 18.06 -18.98
N THR A 347 4.56 18.30 -18.46
CA THR A 347 5.43 19.36 -18.95
C THR A 347 6.15 18.97 -20.24
N PRO A 348 6.65 19.97 -20.96
CA PRO A 348 7.58 19.67 -22.06
C PRO A 348 8.83 18.95 -21.59
N MET A 349 9.31 19.29 -20.39
CA MET A 349 10.45 18.60 -19.80
C MET A 349 10.27 17.08 -19.85
N PHE A 350 9.10 16.61 -19.42
CA PHE A 350 8.85 15.18 -19.33
C PHE A 350 8.73 14.52 -20.69
N ARG A 351 8.16 15.23 -21.67
CA ARG A 351 8.13 14.68 -23.02
C ARG A 351 9.55 14.50 -23.54
N GLU A 352 10.38 15.52 -23.32
CA GLU A 352 11.79 15.43 -23.69
C GLU A 352 12.44 14.23 -23.03
N TYR A 353 12.23 14.09 -21.72
CA TYR A 353 12.79 12.95 -20.99
C TYR A 353 12.34 11.64 -21.62
N SER A 354 11.04 11.51 -21.94
CA SER A 354 10.54 10.23 -22.45
C SER A 354 11.06 9.96 -23.85
N LEU A 355 11.18 10.99 -24.68
CA LEU A 355 11.87 10.84 -25.96
C LEU A 355 13.30 10.33 -25.75
N GLN A 356 14.00 10.87 -24.74
CA GLN A 356 15.38 10.44 -24.52
C GLN A 356 15.42 8.99 -24.04
N VAL A 357 14.40 8.57 -23.28
CA VAL A 357 14.33 7.18 -22.82
C VAL A 357 14.26 6.23 -24.01
N LEU A 358 13.39 6.55 -24.96
CA LEU A 358 13.31 5.77 -26.18
C LEU A 358 14.64 5.77 -26.92
N LYS A 359 15.27 6.95 -27.10
CA LYS A 359 16.53 7.00 -27.82
C LYS A 359 17.60 6.17 -27.11
N ASN A 360 17.64 6.24 -25.79
CA ASN A 360 18.69 5.56 -25.04
C ASN A 360 18.49 4.05 -25.06
N ALA A 361 17.24 3.58 -24.95
CA ALA A 361 17.02 2.14 -25.07
C ALA A 361 17.42 1.66 -26.46
N ARG A 362 17.08 2.42 -27.51
CA ARG A 362 17.49 2.04 -28.85
C ARG A 362 19.01 2.11 -29.03
N ALA A 363 19.66 3.10 -28.41
CA ALA A 363 21.11 3.17 -28.49
C ALA A 363 21.74 1.95 -27.83
N MET A 364 21.19 1.55 -26.68
CA MET A 364 21.68 0.37 -25.98
C MET A 364 21.43 -0.87 -26.82
N ALA A 365 20.25 -0.98 -27.41
CA ALA A 365 19.97 -2.11 -28.29
C ALA A 365 20.98 -2.16 -29.41
N ASP A 366 21.16 -1.04 -30.13
CA ASP A 366 22.08 -1.00 -31.28
C ASP A 366 23.49 -1.37 -30.86
N ALA A 367 23.97 -0.84 -29.73
CA ALA A 367 25.33 -1.16 -29.30
C ALA A 367 25.45 -2.61 -28.87
N LEU A 368 24.38 -3.19 -28.35
CA LEU A 368 24.42 -4.61 -28.03
C LEU A 368 24.49 -5.43 -29.30
N LEU A 369 23.70 -5.07 -30.31
CA LEU A 369 23.72 -5.83 -31.54
C LEU A 369 25.10 -5.75 -32.19
N GLU A 370 25.64 -4.53 -32.27
CA GLU A 370 26.97 -4.35 -32.85
C GLU A 370 28.04 -5.19 -32.16
N ARG A 371 27.86 -5.57 -30.90
CA ARG A 371 28.82 -6.43 -30.22
C ARG A 371 28.45 -7.90 -30.30
N GLY A 372 27.49 -8.26 -31.14
CA GLY A 372 27.15 -9.65 -31.34
C GLY A 372 26.16 -10.25 -30.36
N TYR A 373 25.44 -9.43 -29.59
CA TYR A 373 24.40 -9.97 -28.75
C TYR A 373 23.13 -10.22 -29.56
N SER A 374 22.27 -11.10 -29.05
CA SER A 374 20.95 -11.31 -29.63
C SER A 374 19.91 -10.64 -28.74
N LEU A 375 18.91 -10.03 -29.38
CA LEU A 375 17.81 -9.39 -28.67
C LEU A 375 16.51 -10.12 -28.98
N VAL A 376 15.72 -10.40 -27.94
CA VAL A 376 14.42 -11.02 -28.17
C VAL A 376 13.55 -10.06 -28.94
N SER A 377 12.98 -10.53 -30.05
CA SER A 377 12.23 -9.74 -31.02
C SER A 377 13.13 -8.76 -31.79
N GLY A 378 14.45 -8.84 -31.59
CA GLY A 378 15.40 -8.16 -32.45
C GLY A 378 15.69 -6.70 -32.13
N GLY A 379 15.01 -6.10 -31.17
CA GLY A 379 15.21 -4.68 -30.89
C GLY A 379 14.19 -4.17 -29.88
N THR A 380 13.87 -2.89 -29.98
CA THR A 380 12.95 -2.34 -29.01
C THR A 380 12.25 -1.12 -29.59
N ASP A 381 11.01 -0.93 -29.14
CA ASP A 381 10.26 0.28 -29.41
C ASP A 381 9.85 0.96 -28.13
N ASN A 382 10.42 0.58 -26.98
CA ASN A 382 10.05 1.26 -25.75
C ASN A 382 11.28 1.49 -24.87
N HIS A 383 11.09 1.36 -23.56
CA HIS A 383 12.10 1.78 -22.59
C HIS A 383 13.10 0.67 -22.25
N LEU A 384 12.93 -0.55 -22.79
CA LEU A 384 13.74 -1.68 -22.33
C LEU A 384 14.21 -2.48 -23.53
N VAL A 385 15.22 -3.34 -23.29
CA VAL A 385 15.61 -4.34 -24.26
C VAL A 385 15.77 -5.65 -23.53
N LEU A 386 15.50 -6.74 -24.26
CA LEU A 386 15.55 -8.09 -23.73
C LEU A 386 16.74 -8.78 -24.37
N VAL A 387 17.76 -9.06 -23.59
CA VAL A 387 18.98 -9.65 -24.15
C VAL A 387 18.86 -11.16 -24.06
N ASP A 388 19.22 -11.85 -25.15
CA ASP A 388 19.25 -13.30 -25.18
C ASP A 388 20.73 -13.68 -25.18
N LEU A 389 21.23 -14.09 -24.01
CA LEU A 389 22.63 -14.42 -23.80
C LEU A 389 22.96 -15.85 -24.18
N ARG A 390 21.96 -16.69 -24.45
CA ARG A 390 22.23 -18.07 -24.84
C ARG A 390 23.25 -18.15 -25.95
N PRO A 391 23.12 -17.44 -27.07
CA PRO A 391 24.11 -17.59 -28.15
C PRO A 391 25.54 -17.28 -27.75
N LYS A 392 25.76 -16.41 -26.76
CA LYS A 392 27.11 -16.08 -26.28
C LYS A 392 27.64 -17.08 -25.26
N GLY A 393 26.81 -18.01 -24.79
CA GLY A 393 27.29 -19.08 -23.94
C GLY A 393 27.24 -18.82 -22.45
N LEU A 394 26.37 -17.93 -21.98
CA LEU A 394 26.30 -17.60 -20.57
C LEU A 394 24.87 -17.28 -20.19
N ASP A 395 24.46 -17.70 -19.02
CA ASP A 395 23.06 -17.55 -18.65
C ASP A 395 22.82 -16.25 -17.90
N GLY A 396 21.54 -15.87 -17.85
CA GLY A 396 21.17 -14.63 -17.19
C GLY A 396 21.46 -14.62 -15.71
N ALA A 397 21.51 -15.78 -15.07
CA ALA A 397 21.80 -15.80 -13.64
C ALA A 397 23.27 -15.52 -13.38
N ARG A 398 24.16 -16.15 -14.16
CA ARG A 398 25.58 -15.86 -14.02
C ARG A 398 25.86 -14.40 -14.37
N ALA A 399 25.26 -13.90 -15.45
CA ALA A 399 25.53 -12.55 -15.89
C ALA A 399 25.02 -11.53 -14.89
N GLU A 400 23.84 -11.77 -14.31
CA GLU A 400 23.30 -10.78 -13.40
C GLU A 400 24.18 -10.63 -12.17
N ARG A 401 24.77 -11.73 -11.70
CA ARG A 401 25.56 -11.68 -10.48
C ARG A 401 26.92 -11.03 -10.73
N VAL A 402 27.55 -11.32 -11.87
CA VAL A 402 28.76 -10.59 -12.25
C VAL A 402 28.46 -9.10 -12.38
N LEU A 403 27.42 -8.77 -13.13
CA LEU A 403 27.08 -7.36 -13.30
C LEU A 403 26.83 -6.68 -11.96
N GLU A 404 26.16 -7.38 -11.04
CA GLU A 404 25.87 -6.80 -9.73
C GLU A 404 27.15 -6.49 -8.97
N LEU A 405 28.18 -7.34 -9.09
CA LEU A 405 29.41 -7.15 -8.34
C LEU A 405 30.28 -6.06 -8.90
N VAL A 406 29.97 -5.52 -10.08
CA VAL A 406 30.62 -4.32 -10.56
C VAL A 406 29.64 -3.14 -10.61
N SER A 407 28.55 -3.21 -9.85
CA SER A 407 27.66 -2.07 -9.65
C SER A 407 26.77 -1.79 -10.84
N ILE A 408 26.49 -2.82 -11.64
CA ILE A 408 25.52 -2.74 -12.72
C ILE A 408 24.36 -3.66 -12.35
N THR A 409 23.20 -3.09 -12.08
CA THR A 409 22.04 -3.86 -11.65
C THR A 409 21.08 -4.05 -12.82
N ALA A 410 20.84 -5.30 -13.18
CA ALA A 410 19.85 -5.68 -14.16
C ALA A 410 19.04 -6.83 -13.55
N ASN A 411 18.17 -7.50 -14.31
CA ASN A 411 17.61 -8.76 -13.79
C ASN A 411 17.64 -9.82 -14.86
N LYS A 412 18.02 -11.03 -14.45
CA LYS A 412 17.85 -12.21 -15.29
C LYS A 412 16.39 -12.37 -15.66
N ASN A 413 16.12 -12.86 -16.86
CA ASN A 413 14.74 -13.17 -17.17
C ASN A 413 14.69 -14.24 -18.26
N THR A 414 13.54 -14.91 -18.30
CA THR A 414 13.31 -16.03 -19.19
C THR A 414 13.26 -15.59 -20.65
N CYS A 415 13.82 -16.41 -21.50
CA CYS A 415 13.80 -16.28 -22.95
C CYS A 415 12.93 -17.36 -23.56
N PRO A 416 12.37 -17.11 -24.73
CA PRO A 416 11.52 -18.12 -25.38
C PRO A 416 12.26 -19.45 -25.54
N GLY A 417 11.64 -20.52 -25.06
CA GLY A 417 12.25 -21.84 -25.13
C GLY A 417 13.17 -22.20 -23.99
N ASP A 418 13.18 -21.41 -22.91
CA ASP A 418 14.01 -21.72 -21.75
C ASP A 418 13.43 -22.88 -20.97
N ARG A 419 14.32 -23.73 -20.45
CA ARG A 419 13.94 -24.93 -19.72
C ARG A 419 14.33 -24.92 -18.23
N SER A 420 15.16 -23.99 -17.78
CA SER A 420 15.55 -23.92 -16.38
C SER A 420 15.14 -22.58 -15.78
N ALA A 421 14.42 -22.63 -14.67
CA ALA A 421 14.12 -21.41 -13.92
C ALA A 421 15.33 -20.90 -13.13
N ILE A 422 16.29 -21.77 -12.84
CA ILE A 422 17.50 -21.35 -12.12
C ILE A 422 18.53 -20.74 -13.07
N THR A 423 18.45 -21.06 -14.36
CA THR A 423 19.38 -20.57 -15.37
C THR A 423 18.63 -20.01 -16.59
N PRO A 424 17.83 -18.96 -16.40
CA PRO A 424 17.22 -18.29 -17.55
C PRO A 424 18.28 -17.77 -18.50
N GLY A 425 17.93 -17.67 -19.78
CA GLY A 425 18.96 -17.29 -20.72
C GLY A 425 19.11 -15.82 -21.05
N GLY A 426 18.40 -14.92 -20.35
CA GLY A 426 18.34 -13.53 -20.75
C GLY A 426 18.53 -12.56 -19.60
N LEU A 427 18.57 -11.28 -19.97
CA LEU A 427 18.75 -10.14 -19.09
C LEU A 427 17.83 -9.05 -19.60
N ARG A 428 17.03 -8.46 -18.72
CA ARG A 428 16.22 -7.32 -19.06
C ARG A 428 16.99 -6.06 -18.68
N LEU A 429 17.11 -5.11 -19.61
CA LEU A 429 17.79 -3.84 -19.37
C LEU A 429 16.83 -2.69 -19.64
N GLY A 430 16.79 -1.72 -18.73
CA GLY A 430 15.90 -0.57 -18.88
C GLY A 430 16.68 0.74 -18.87
N ALA A 431 16.22 1.68 -19.68
CA ALA A 431 16.83 3.01 -19.78
C ALA A 431 16.28 4.08 -18.83
N PRO A 432 15.07 3.95 -18.26
CA PRO A 432 14.48 5.13 -17.55
C PRO A 432 15.31 5.69 -16.39
N ALA A 433 15.84 4.85 -15.51
CA ALA A 433 16.54 5.38 -14.33
C ALA A 433 17.77 6.22 -14.72
N LEU A 434 18.59 5.70 -15.64
CA LEU A 434 19.79 6.45 -16.00
C LEU A 434 19.46 7.67 -16.84
N THR A 435 18.43 7.57 -17.68
CA THR A 435 17.99 8.74 -18.42
C THR A 435 17.58 9.84 -17.47
N SER A 436 17.06 9.50 -16.30
CA SER A 436 16.68 10.56 -15.36
C SER A 436 17.90 11.21 -14.74
N ARG A 437 19.05 10.54 -14.79
CA ARG A 437 20.35 11.10 -14.42
C ARG A 437 21.04 11.77 -15.61
N GLN A 438 20.29 12.10 -16.65
CA GLN A 438 20.76 12.81 -17.85
C GLN A 438 21.78 12.00 -18.66
N PHE A 439 21.75 10.67 -18.56
CA PHE A 439 22.43 9.88 -19.56
C PHE A 439 21.85 10.17 -20.95
N ARG A 440 22.72 10.15 -21.95
CA ARG A 440 22.44 10.35 -23.36
C ARG A 440 22.89 9.11 -24.12
N GLU A 441 22.70 9.12 -25.44
CA GLU A 441 22.98 7.91 -26.23
C GLU A 441 24.42 7.43 -26.03
N ASP A 442 25.39 8.36 -26.05
CA ASP A 442 26.79 7.96 -25.89
C ASP A 442 27.05 7.35 -24.52
N ASP A 443 26.36 7.83 -23.50
CA ASP A 443 26.53 7.25 -22.18
C ASP A 443 26.01 5.82 -22.16
N PHE A 444 24.89 5.56 -22.83
CA PHE A 444 24.44 4.18 -22.88
C PHE A 444 25.38 3.30 -23.66
N ARG A 445 26.02 3.85 -24.69
CA ARG A 445 27.06 3.07 -25.37
C ARG A 445 28.19 2.71 -24.40
N ARG A 446 28.60 3.65 -23.55
CA ARG A 446 29.58 3.33 -22.51
C ARG A 446 29.06 2.23 -21.58
N VAL A 447 27.80 2.34 -21.16
CA VAL A 447 27.17 1.33 -20.32
C VAL A 447 27.30 -0.04 -20.95
N VAL A 448 27.10 -0.12 -22.27
CA VAL A 448 27.19 -1.42 -22.92
C VAL A 448 28.62 -1.92 -22.93
N ASP A 449 29.60 -1.02 -23.18
CA ASP A 449 31.00 -1.39 -23.03
C ASP A 449 31.25 -2.08 -21.69
N PHE A 450 30.81 -1.47 -20.59
CA PHE A 450 30.99 -2.09 -19.28
C PHE A 450 30.29 -3.45 -19.22
N ILE A 451 29.00 -3.51 -19.60
CA ILE A 451 28.28 -4.78 -19.57
C ILE A 451 29.10 -5.85 -20.29
N ASP A 452 29.56 -5.52 -21.50
CA ASP A 452 30.32 -6.48 -22.29
C ASP A 452 31.54 -6.97 -21.52
N GLU A 453 32.21 -6.06 -20.80
CA GLU A 453 33.36 -6.48 -20.00
C GLU A 453 32.94 -7.48 -18.94
N GLY A 454 31.87 -7.17 -18.21
CA GLY A 454 31.38 -8.10 -17.19
C GLY A 454 30.99 -9.45 -17.77
N VAL A 455 30.31 -9.44 -18.92
CA VAL A 455 29.98 -10.70 -19.59
C VAL A 455 31.23 -11.52 -19.82
N ASN A 456 32.26 -10.89 -20.41
CA ASN A 456 33.51 -11.59 -20.69
C ASN A 456 34.13 -12.19 -19.43
N ILE A 457 34.12 -11.44 -18.33
CA ILE A 457 34.54 -11.99 -17.06
C ILE A 457 33.70 -13.21 -16.69
N GLY A 458 32.38 -13.06 -16.79
CA GLY A 458 31.49 -14.15 -16.43
C GLY A 458 31.73 -15.39 -17.27
N LEU A 459 32.04 -15.21 -18.56
CA LEU A 459 32.42 -16.34 -19.41
C LEU A 459 33.65 -17.07 -18.87
N GLU A 460 34.69 -16.30 -18.51
CA GLU A 460 35.92 -16.93 -18.01
C GLU A 460 35.65 -17.72 -16.74
N VAL A 461 34.93 -17.12 -15.79
CA VAL A 461 34.64 -17.85 -14.56
C VAL A 461 33.81 -19.09 -14.84
N LYS A 462 32.92 -19.02 -15.83
CA LYS A 462 32.11 -20.19 -16.14
C LYS A 462 33.00 -21.35 -16.57
N SER A 463 34.08 -21.06 -17.31
CA SER A 463 34.96 -22.11 -17.78
C SER A 463 35.82 -22.71 -16.67
N LYS A 464 35.85 -22.08 -15.50
CA LYS A 464 36.62 -22.59 -14.37
C LYS A 464 35.74 -23.13 -13.26
N THR A 465 34.42 -23.21 -13.47
CA THR A 465 33.51 -23.66 -12.44
C THR A 465 32.42 -24.55 -13.05
N ALA A 466 31.75 -25.29 -12.17
CA ALA A 466 30.76 -26.27 -12.60
C ALA A 466 29.35 -25.74 -12.40
N LYS A 467 28.87 -25.83 -11.16
CA LYS A 467 27.50 -25.47 -10.82
C LYS A 467 27.37 -23.96 -10.61
N LEU A 468 26.11 -23.52 -10.53
CA LEU A 468 25.84 -22.11 -10.31
C LEU A 468 26.44 -21.64 -8.99
N GLN A 469 26.41 -22.48 -7.96
CA GLN A 469 26.92 -22.03 -6.67
C GLN A 469 28.45 -22.01 -6.64
N ASP A 470 29.12 -22.78 -7.49
CA ASP A 470 30.57 -22.66 -7.59
C ASP A 470 30.96 -21.40 -8.34
N PHE A 471 30.14 -21.01 -9.32
CA PHE A 471 30.33 -19.75 -10.03
C PHE A 471 30.28 -18.59 -9.05
N LYS A 472 29.20 -18.49 -8.26
CA LYS A 472 29.04 -17.35 -7.37
C LYS A 472 30.14 -17.32 -6.30
N SER A 473 30.53 -18.50 -5.80
CA SER A 473 31.63 -18.54 -4.83
C SER A 473 32.93 -18.05 -5.46
N PHE A 474 33.25 -18.54 -6.65
CA PHE A 474 34.49 -18.17 -7.32
C PHE A 474 34.61 -16.66 -7.47
N LEU A 475 33.52 -15.97 -7.82
CA LEU A 475 33.58 -14.52 -7.94
C LEU A 475 34.10 -13.86 -6.66
N LEU A 476 33.81 -14.46 -5.50
CA LEU A 476 34.22 -13.85 -4.24
C LEU A 476 35.58 -14.35 -3.76
N LYS A 477 35.89 -15.63 -3.99
CA LYS A 477 37.02 -16.28 -3.35
C LYS A 477 38.23 -16.48 -4.26
N ASP A 478 38.16 -16.20 -5.55
CA ASP A 478 39.32 -16.30 -6.43
C ASP A 478 40.03 -14.95 -6.52
N SER A 479 41.32 -14.96 -6.23
CA SER A 479 42.06 -13.71 -6.11
C SER A 479 42.09 -12.95 -7.44
N GLU A 480 42.42 -13.63 -8.53
CA GLU A 480 42.53 -12.94 -9.81
C GLU A 480 41.16 -12.44 -10.27
N THR A 481 40.10 -13.20 -9.98
CA THR A 481 38.77 -12.78 -10.42
C THR A 481 38.27 -11.59 -9.61
N SER A 482 38.39 -11.65 -8.27
CA SER A 482 38.00 -10.50 -7.45
C SER A 482 38.76 -9.24 -7.85
N GLN A 483 40.03 -9.39 -8.25
CA GLN A 483 40.80 -8.25 -8.72
C GLN A 483 40.18 -7.64 -9.97
N ARG A 484 39.94 -8.49 -11.00
CA ARG A 484 39.32 -8.04 -12.25
C ARG A 484 38.02 -7.29 -11.98
N LEU A 485 37.20 -7.82 -11.06
CA LEU A 485 35.91 -7.21 -10.75
C LEU A 485 36.09 -5.87 -10.05
N ALA A 486 37.00 -5.78 -9.07
CA ALA A 486 37.22 -4.53 -8.37
C ALA A 486 37.65 -3.42 -9.33
N ASN A 487 38.48 -3.76 -10.32
CA ASN A 487 38.89 -2.77 -11.30
C ASN A 487 37.70 -2.27 -12.11
N LEU A 488 36.90 -3.20 -12.64
CA LEU A 488 35.72 -2.80 -13.40
C LEU A 488 34.76 -2.02 -12.53
N ARG A 489 34.52 -2.51 -11.31
CA ARG A 489 33.57 -1.82 -10.42
C ARG A 489 33.98 -0.38 -10.17
N GLN A 490 35.28 -0.15 -9.97
CA GLN A 490 35.76 1.21 -9.68
C GLN A 490 35.58 2.10 -10.91
N ARG A 491 35.76 1.55 -12.11
CA ARG A 491 35.54 2.35 -13.31
C ARG A 491 34.07 2.64 -13.50
N VAL A 492 33.21 1.64 -13.28
CA VAL A 492 31.77 1.85 -13.36
C VAL A 492 31.34 2.95 -12.39
N GLU A 493 31.84 2.87 -11.15
CA GLU A 493 31.37 3.80 -10.12
C GLU A 493 31.87 5.21 -10.35
N GLN A 494 33.12 5.35 -10.78
CA GLN A 494 33.62 6.67 -11.17
C GLN A 494 32.80 7.25 -12.30
N PHE A 495 32.48 6.43 -13.30
CA PHE A 495 31.65 6.92 -14.39
C PHE A 495 30.28 7.36 -13.88
N ALA A 496 29.62 6.51 -13.09
CA ALA A 496 28.25 6.81 -12.65
C ALA A 496 28.20 8.02 -11.70
N ARG A 497 29.17 8.13 -10.79
CA ARG A 497 29.07 9.13 -9.74
C ARG A 497 28.99 10.54 -10.29
N ALA A 498 29.52 10.77 -11.48
CA ALA A 498 29.55 12.13 -12.02
C ALA A 498 28.20 12.60 -12.55
N PHE A 499 27.23 11.68 -12.75
CA PHE A 499 25.97 12.23 -13.24
C PHE A 499 25.11 12.70 -12.08
N PRO A 500 24.27 13.69 -12.31
CA PRO A 500 23.33 14.15 -11.28
C PRO A 500 22.36 13.05 -10.88
N MET A 501 21.72 13.27 -9.72
CA MET A 501 20.80 12.31 -9.13
C MET A 501 19.57 13.03 -8.59
N PRO A 502 18.37 12.69 -9.07
CA PRO A 502 17.15 13.23 -8.43
C PRO A 502 17.07 12.81 -6.97
N GLY A 503 16.38 13.62 -6.18
CA GLY A 503 16.17 13.31 -4.77
C GLY A 503 16.77 14.37 -3.84
N PHE A 504 16.87 13.97 -2.57
CA PHE A 504 17.58 14.71 -1.54
C PHE A 504 19.09 14.44 -1.65
N ASP A 505 19.89 15.29 -1.00
CA ASP A 505 21.34 15.17 -1.14
C ASP A 505 21.90 13.93 -0.43
N GLU A 506 21.42 13.62 0.77
CA GLU A 506 22.06 12.61 1.61
C GLU A 506 21.28 11.32 1.75
N HIS A 507 19.96 11.35 1.67
CA HIS A 507 19.17 10.14 1.87
C HIS A 507 18.09 10.02 0.80
N TRP B 46 15.91 20.67 -15.69
CA TRP B 46 15.27 19.88 -14.62
C TRP B 46 16.26 18.90 -14.01
N THR B 47 16.36 18.93 -12.68
CA THR B 47 17.22 18.00 -11.96
C THR B 47 16.47 16.99 -11.10
N GLY B 48 15.21 17.25 -10.74
CA GLY B 48 14.59 16.44 -9.72
C GLY B 48 15.12 16.71 -8.33
N GLN B 49 15.77 17.85 -8.14
CA GLN B 49 16.24 18.27 -6.82
C GLN B 49 15.62 19.58 -6.38
N GLU B 50 14.76 20.19 -7.22
CA GLU B 50 14.04 21.38 -6.83
C GLU B 50 13.09 21.08 -5.68
N SER B 51 12.86 22.10 -4.84
CA SER B 51 12.01 21.92 -3.68
C SER B 51 10.53 21.86 -4.07
N LEU B 52 9.73 21.23 -3.21
CA LEU B 52 8.30 21.17 -3.51
C LEU B 52 7.73 22.59 -3.60
N SER B 53 8.08 23.45 -2.65
CA SER B 53 7.55 24.81 -2.65
C SER B 53 7.94 25.57 -3.91
N ASP B 54 9.12 25.31 -4.46
CA ASP B 54 9.54 25.99 -5.67
C ASP B 54 8.81 25.47 -6.91
N SER B 55 8.70 24.15 -7.04
CA SER B 55 8.30 23.56 -8.32
C SER B 55 6.82 23.30 -8.43
N ASP B 56 6.14 23.00 -7.32
CA ASP B 56 4.69 22.78 -7.31
C ASP B 56 4.12 23.61 -6.17
N PRO B 57 3.99 24.93 -6.36
CA PRO B 57 3.45 25.76 -5.27
C PRO B 57 2.02 25.41 -4.92
N GLU B 58 1.19 25.05 -5.91
CA GLU B 58 -0.19 24.68 -5.63
C GLU B 58 -0.25 23.57 -4.60
N MET B 59 0.63 22.57 -4.72
CA MET B 59 0.60 21.47 -3.76
C MET B 59 1.23 21.87 -2.43
N TRP B 60 2.31 22.67 -2.47
CA TRP B 60 2.87 23.14 -1.21
C TRP B 60 1.83 23.90 -0.40
N GLU B 61 1.11 24.81 -1.04
CA GLU B 61 -0.01 25.50 -0.41
C GLU B 61 -0.97 24.52 0.28
N LEU B 62 -1.32 23.45 -0.43
CA LEU B 62 -2.23 22.47 0.14
C LEU B 62 -1.63 21.77 1.36
N LEU B 63 -0.34 21.43 1.30
CA LEU B 63 0.28 20.80 2.47
C LEU B 63 0.30 21.75 3.65
N GLN B 64 0.64 23.02 3.42
CA GLN B 64 0.65 23.96 4.54
C GLN B 64 -0.75 24.10 5.13
N ARG B 65 -1.78 24.14 4.26
CA ARG B 65 -3.15 24.18 4.77
C ARG B 65 -3.43 22.99 5.66
N GLU B 66 -3.03 21.79 5.23
CA GLU B 66 -3.32 20.61 6.04
C GLU B 66 -2.48 20.59 7.31
N LYS B 67 -1.26 21.12 7.26
CA LYS B 67 -0.47 21.19 8.48
C LYS B 67 -1.06 22.20 9.46
N ASP B 68 -1.51 23.34 8.95
CA ASP B 68 -2.25 24.28 9.81
C ASP B 68 -3.46 23.59 10.42
N ARG B 69 -4.29 22.94 9.59
CA ARG B 69 -5.51 22.31 10.08
C ARG B 69 -5.21 21.34 11.22
N GLN B 70 -4.14 20.56 11.09
CA GLN B 70 -3.81 19.60 12.14
C GLN B 70 -3.37 20.32 13.42
N CYS B 71 -2.64 21.42 13.29
CA CYS B 71 -2.14 22.14 14.47
C CYS B 71 -3.25 22.85 15.22
N ARG B 72 -4.17 23.48 14.48
CA ARG B 72 -5.23 24.35 15.00
C ARG B 72 -6.45 23.60 15.51
N GLY B 73 -6.56 22.29 15.26
CA GLY B 73 -7.73 21.53 15.61
C GLY B 73 -7.45 20.60 16.78
N LEU B 74 -8.54 20.11 17.36
CA LEU B 74 -8.50 19.09 18.40
C LEU B 74 -8.87 17.76 17.75
N GLU B 75 -7.93 16.81 17.76
CA GLU B 75 -7.99 15.61 16.95
C GLU B 75 -8.35 14.44 17.83
N LEU B 76 -9.57 13.93 17.64
CA LEU B 76 -10.14 12.91 18.51
C LEU B 76 -10.57 11.65 17.75
N ILE B 77 -10.38 11.61 16.42
CA ILE B 77 -10.55 10.38 15.67
C ILE B 77 -9.62 9.33 16.24
N ALA B 78 -10.19 8.26 16.80
CA ALA B 78 -9.42 7.34 17.63
C ALA B 78 -8.34 6.59 16.87
N SER B 79 -8.39 6.60 15.54
CA SER B 79 -7.45 5.85 14.73
C SER B 79 -6.24 6.67 14.32
N GLU B 80 -6.29 7.99 14.52
CA GLU B 80 -5.29 8.90 14.02
C GLU B 80 -4.19 9.16 15.05
N ASN B 81 -3.06 9.63 14.54
CA ASN B 81 -1.92 9.95 15.38
C ASN B 81 -1.03 10.91 14.62
N PHE B 82 -0.02 11.42 15.30
CA PHE B 82 0.89 12.40 14.73
C PHE B 82 2.27 11.77 14.68
N CYS B 83 2.74 11.50 13.46
CA CYS B 83 3.92 10.71 13.24
C CYS B 83 5.16 11.58 13.37
N SER B 84 6.25 10.97 13.84
CA SER B 84 7.47 11.73 14.14
C SER B 84 8.18 12.17 12.86
N ARG B 85 8.93 13.28 12.98
CA ARG B 85 9.72 13.75 11.85
C ARG B 85 10.72 12.69 11.39
N ALA B 86 11.33 11.98 12.33
CA ALA B 86 12.34 10.99 11.95
C ALA B 86 11.73 9.89 11.09
N ALA B 87 10.54 9.40 11.44
CA ALA B 87 9.92 8.39 10.59
C ALA B 87 9.56 8.96 9.23
N LEU B 88 9.00 10.18 9.22
CA LEU B 88 8.68 10.83 7.95
C LEU B 88 9.93 11.01 7.08
N GLU B 89 11.07 11.37 7.69
CA GLU B 89 12.29 11.53 6.90
C GLU B 89 12.65 10.25 6.18
N ALA B 90 12.54 9.11 6.87
CA ALA B 90 12.74 7.82 6.22
C ALA B 90 11.69 7.56 5.15
N LEU B 91 10.45 7.96 5.42
CA LEU B 91 9.37 7.67 4.47
C LEU B 91 9.61 8.37 3.15
N GLY B 92 10.13 9.59 3.19
CA GLY B 92 10.38 10.30 1.96
C GLY B 92 11.83 10.24 1.54
N SER B 93 12.40 9.04 1.52
CA SER B 93 13.81 8.84 1.26
C SER B 93 14.01 8.20 -0.11
N CYS B 94 15.27 8.01 -0.46
CA CYS B 94 15.57 7.34 -1.72
C CYS B 94 15.19 5.87 -1.72
N LEU B 95 14.86 5.30 -0.56
CA LEU B 95 14.35 3.93 -0.58
C LEU B 95 13.10 3.78 -1.44
N ASN B 96 12.41 4.88 -1.75
CA ASN B 96 11.29 4.75 -2.67
C ASN B 96 11.75 4.21 -4.02
N ASN B 97 13.02 4.40 -4.38
CA ASN B 97 13.50 4.07 -5.71
C ASN B 97 13.85 2.59 -5.90
N LYS B 98 13.92 1.79 -4.84
CA LYS B 98 14.46 0.43 -4.93
C LYS B 98 13.35 -0.63 -5.08
N TYR B 99 13.35 -1.34 -6.21
CA TYR B 99 12.50 -2.53 -6.36
C TYR B 99 13.21 -3.71 -5.71
N SER B 100 12.52 -4.45 -4.84
CA SER B 100 13.18 -5.58 -4.20
C SER B 100 12.18 -6.70 -3.98
N GLU B 101 11.49 -7.10 -5.05
CA GLU B 101 10.58 -8.22 -5.02
C GLU B 101 11.25 -9.44 -4.38
N GLY B 102 10.53 -10.07 -3.45
CA GLY B 102 11.08 -11.18 -2.69
C GLY B 102 11.33 -10.87 -1.23
N TYR B 103 12.27 -11.58 -0.62
CA TYR B 103 12.62 -11.41 0.77
C TYR B 103 14.13 -11.34 0.94
N PRO B 104 14.60 -10.89 2.10
CA PRO B 104 16.05 -10.74 2.30
C PRO B 104 16.82 -12.02 1.99
N GLY B 105 17.88 -11.87 1.21
CA GLY B 105 18.68 -13.02 0.85
C GLY B 105 17.99 -14.00 -0.06
N LYS B 106 16.73 -13.75 -0.43
CA LYS B 106 15.99 -14.56 -1.37
C LYS B 106 15.22 -13.62 -2.31
N ARG B 107 15.97 -12.77 -2.99
CA ARG B 107 15.45 -11.84 -3.97
C ARG B 107 15.52 -12.45 -5.36
N TYR B 108 14.97 -11.75 -6.34
CA TYR B 108 14.98 -12.28 -7.71
C TYR B 108 15.97 -11.56 -8.60
N TYR B 109 16.61 -10.50 -8.07
CA TYR B 109 17.66 -9.76 -8.75
C TYR B 109 18.45 -9.02 -7.67
N GLY B 110 19.50 -8.33 -8.07
CA GLY B 110 20.47 -7.79 -7.14
C GLY B 110 20.25 -6.33 -6.79
N GLY B 111 21.31 -5.72 -6.25
CA GLY B 111 21.27 -4.39 -5.70
C GLY B 111 20.59 -4.27 -4.36
N ALA B 112 20.33 -5.38 -3.68
CA ALA B 112 19.50 -5.43 -2.48
C ALA B 112 20.32 -5.47 -1.19
N GLU B 113 21.62 -5.17 -1.26
CA GLU B 113 22.49 -5.24 -0.09
C GLU B 113 21.91 -4.45 1.08
N VAL B 114 21.50 -3.20 0.85
CA VAL B 114 21.07 -2.35 1.94
C VAL B 114 19.62 -2.60 2.31
N VAL B 115 18.72 -2.66 1.32
CA VAL B 115 17.31 -2.89 1.65
C VAL B 115 17.15 -4.20 2.39
N ASP B 116 18.02 -5.18 2.11
CA ASP B 116 17.99 -6.42 2.89
C ASP B 116 18.28 -6.13 4.37
N GLU B 117 19.30 -5.33 4.67
CA GLU B 117 19.59 -5.07 6.07
C GLU B 117 18.48 -4.24 6.73
N ILE B 118 17.83 -3.36 5.96
CA ILE B 118 16.72 -2.57 6.50
C ILE B 118 15.51 -3.45 6.78
N GLU B 119 15.20 -4.39 5.88
CA GLU B 119 14.07 -5.27 6.11
C GLU B 119 14.31 -6.14 7.35
N LEU B 120 15.51 -6.71 7.48
CA LEU B 120 15.79 -7.51 8.68
C LEU B 120 15.78 -6.64 9.93
N LEU B 121 16.34 -5.43 9.86
CA LEU B 121 16.28 -4.53 11.01
C LEU B 121 14.84 -4.24 11.41
N CYS B 122 13.96 -4.05 10.42
CA CYS B 122 12.56 -3.83 10.75
C CYS B 122 11.97 -5.07 11.42
N GLN B 123 12.33 -6.26 10.94
CA GLN B 123 11.83 -7.49 11.57
C GLN B 123 12.28 -7.56 13.03
N ARG B 124 13.58 -7.42 13.29
CA ARG B 124 14.06 -7.52 14.67
C ARG B 124 13.41 -6.46 15.55
N ARG B 125 13.36 -5.21 15.06
CA ARG B 125 12.73 -4.16 15.85
C ARG B 125 11.26 -4.47 16.12
N ALA B 126 10.57 -5.06 15.14
CA ALA B 126 9.18 -5.47 15.37
C ALA B 126 9.08 -6.52 16.47
N LEU B 127 9.95 -7.52 16.44
CA LEU B 127 9.90 -8.56 17.47
C LEU B 127 10.24 -7.98 18.84
N GLU B 128 11.24 -7.09 18.90
CA GLU B 128 11.57 -6.44 20.15
C GLU B 128 10.41 -5.62 20.68
N ALA B 129 9.78 -4.82 19.82
CA ALA B 129 8.75 -3.93 20.32
C ALA B 129 7.57 -4.68 20.96
N PHE B 130 7.42 -5.98 20.69
CA PHE B 130 6.36 -6.77 21.28
C PHE B 130 6.93 -7.92 22.12
N ASP B 131 8.17 -7.77 22.57
CA ASP B 131 8.85 -8.74 23.43
C ASP B 131 8.56 -10.17 22.98
N LEU B 132 9.03 -10.53 21.79
CA LEU B 132 8.81 -11.87 21.24
C LEU B 132 10.15 -12.55 21.02
N ASP B 133 10.19 -13.84 21.28
CA ASP B 133 11.37 -14.64 20.98
C ASP B 133 11.46 -14.89 19.47
N PRO B 134 12.58 -14.56 18.81
CA PRO B 134 12.72 -14.87 17.39
C PRO B 134 12.67 -16.36 17.08
N ALA B 135 12.51 -17.17 18.11
CA ALA B 135 12.37 -18.61 17.95
C ALA B 135 10.91 -19.06 17.96
N GLN B 136 10.05 -18.32 18.64
CA GLN B 136 8.62 -18.61 18.69
C GLN B 136 7.81 -17.76 17.73
N TRP B 137 8.36 -16.64 17.25
CA TRP B 137 7.61 -15.74 16.39
C TRP B 137 8.47 -15.28 15.21
N GLY B 138 7.78 -15.12 14.07
CA GLY B 138 8.31 -14.40 12.94
C GLY B 138 7.39 -13.25 12.59
N VAL B 139 7.81 -12.45 11.61
CA VAL B 139 7.05 -11.26 11.24
C VAL B 139 7.33 -10.93 9.78
N ASN B 140 6.28 -10.56 9.07
CA ASN B 140 6.35 -10.03 7.71
C ASN B 140 6.09 -8.53 7.78
N VAL B 141 6.98 -7.72 7.20
CA VAL B 141 6.88 -6.28 7.33
C VAL B 141 6.54 -5.62 6.00
N GLN B 142 6.15 -6.39 5.00
CA GLN B 142 5.84 -5.89 3.66
C GLN B 142 4.39 -5.46 3.43
N PRO B 143 3.41 -5.87 4.24
CA PRO B 143 2.03 -5.47 3.94
C PRO B 143 1.91 -3.97 3.78
N TYR B 144 1.19 -3.55 2.74
CA TYR B 144 1.14 -2.13 2.39
C TYR B 144 0.33 -1.32 3.40
N SER B 145 -0.66 -1.94 4.06
CA SER B 145 -1.45 -1.25 5.08
C SER B 145 -2.07 -2.29 5.99
N GLY B 146 -3.03 -1.87 6.83
CA GLY B 146 -3.70 -2.83 7.71
C GLY B 146 -4.59 -3.82 6.96
N SER B 147 -5.50 -3.30 6.14
CA SER B 147 -6.39 -4.16 5.38
C SER B 147 -5.63 -5.19 4.54
N PRO B 148 -4.61 -4.81 3.76
CA PRO B 148 -3.85 -5.83 3.03
C PRO B 148 -3.25 -6.89 3.94
N ALA B 149 -2.84 -6.54 5.16
CA ALA B 149 -2.29 -7.54 6.06
C ALA B 149 -3.32 -8.63 6.36
N ASN B 150 -4.58 -8.24 6.53
CA ASN B 150 -5.59 -9.25 6.83
C ASN B 150 -5.87 -10.13 5.61
N LEU B 151 -6.05 -9.52 4.44
CA LEU B 151 -6.34 -10.31 3.24
C LEU B 151 -5.25 -11.34 3.00
N ALA B 152 -3.99 -10.97 3.25
CA ALA B 152 -2.91 -11.94 3.07
C ALA B 152 -2.99 -13.08 4.09
N VAL B 153 -3.46 -12.81 5.31
CA VAL B 153 -3.61 -13.88 6.27
C VAL B 153 -4.63 -14.89 5.78
N TYR B 154 -5.80 -14.42 5.39
CA TYR B 154 -6.82 -15.34 4.85
C TYR B 154 -6.27 -16.12 3.67
N THR B 155 -5.63 -15.44 2.71
CA THR B 155 -5.13 -16.15 1.55
C THR B 155 -4.09 -17.20 1.96
N ALA B 156 -3.22 -16.85 2.89
CA ALA B 156 -2.20 -17.79 3.34
C ALA B 156 -2.81 -19.05 3.95
N LEU B 157 -3.86 -18.89 4.77
CA LEU B 157 -4.35 -19.98 5.61
C LEU B 157 -5.69 -20.57 5.18
N LEU B 158 -6.51 -19.84 4.45
CA LEU B 158 -7.81 -20.37 4.06
C LEU B 158 -7.87 -20.67 2.57
N GLN B 159 -8.78 -21.46 2.20
CA GLN B 159 -9.28 -21.72 0.88
C GLN B 159 -10.42 -20.76 0.57
N PRO B 160 -10.59 -20.35 -0.69
CA PRO B 160 -11.76 -19.54 -1.04
C PRO B 160 -13.04 -20.16 -0.50
N HIS B 161 -13.88 -19.33 0.09
CA HIS B 161 -15.18 -19.72 0.65
C HIS B 161 -15.05 -20.43 2.01
N ASP B 162 -13.85 -20.60 2.57
CA ASP B 162 -13.73 -21.03 3.96
C ASP B 162 -14.39 -20.01 4.88
N ARG B 163 -14.68 -20.44 6.10
CA ARG B 163 -15.52 -19.68 7.02
C ARG B 163 -14.70 -18.81 7.97
N ILE B 164 -15.20 -17.61 8.23
CA ILE B 164 -14.55 -16.60 9.05
C ILE B 164 -15.58 -15.99 10.00
N MET B 165 -15.18 -15.72 11.23
CA MET B 165 -16.03 -15.07 12.21
C MET B 165 -15.33 -13.83 12.76
N GLY B 166 -15.99 -12.69 12.66
CA GLY B 166 -15.47 -11.47 13.23
C GLY B 166 -16.58 -10.64 13.85
N LEU B 167 -16.17 -9.78 14.78
CA LEU B 167 -17.12 -8.91 15.46
C LEU B 167 -17.92 -8.11 14.44
N ASP B 168 -19.24 -8.12 14.58
CA ASP B 168 -20.09 -7.48 13.59
C ASP B 168 -19.69 -6.02 13.40
N LEU B 169 -19.89 -5.51 12.18
CA LEU B 169 -19.53 -4.13 11.88
C LEU B 169 -20.22 -3.15 12.80
N PRO B 170 -21.55 -3.06 12.84
CA PRO B 170 -22.20 -2.09 13.73
C PRO B 170 -21.85 -2.30 15.20
N ASP B 171 -21.38 -3.48 15.58
CA ASP B 171 -20.91 -3.75 16.94
C ASP B 171 -19.45 -3.35 17.14
N GLY B 172 -18.87 -2.56 16.24
CA GLY B 172 -17.51 -2.11 16.40
C GLY B 172 -16.42 -2.97 15.79
N GLY B 173 -16.74 -3.72 14.74
CA GLY B 173 -15.73 -4.47 14.02
C GLY B 173 -15.14 -3.65 12.89
N HIS B 174 -14.13 -4.22 12.24
CA HIS B 174 -13.55 -3.62 11.05
C HIS B 174 -14.04 -4.31 9.78
N LEU B 175 -14.20 -3.51 8.71
CA LEU B 175 -14.70 -4.02 7.43
C LEU B 175 -13.98 -5.29 6.98
N THR B 176 -12.64 -5.33 7.13
CA THR B 176 -11.90 -6.49 6.66
C THR B 176 -12.22 -7.78 7.41
N HIS B 177 -13.00 -7.71 8.49
CA HIS B 177 -13.35 -8.90 9.22
C HIS B 177 -14.56 -9.61 8.63
N GLY B 178 -15.25 -8.98 7.70
CA GLY B 178 -16.39 -9.56 7.02
C GLY B 178 -17.60 -8.63 7.11
N TYR B 179 -18.26 -8.36 5.98
CA TYR B 179 -19.53 -7.66 6.08
C TYR B 179 -20.36 -7.86 4.81
N MET B 180 -21.56 -8.40 4.99
CA MET B 180 -22.59 -8.42 3.98
C MET B 180 -23.80 -7.66 4.50
N SER B 181 -24.34 -6.77 3.68
CA SER B 181 -25.66 -6.26 3.97
C SER B 181 -26.61 -7.43 3.73
N ASP B 182 -27.92 -7.21 3.75
CA ASP B 182 -28.80 -8.32 3.39
C ASP B 182 -29.08 -8.34 1.89
N VAL B 183 -28.15 -7.85 1.08
CA VAL B 183 -28.34 -7.83 -0.37
C VAL B 183 -27.00 -7.79 -1.11
N LYS B 184 -25.92 -7.42 -0.40
CA LYS B 184 -24.63 -7.26 -1.06
C LYS B 184 -23.52 -7.73 -0.13
N ARG B 185 -22.59 -8.49 -0.69
CA ARG B 185 -21.31 -8.75 -0.03
C ARG B 185 -20.46 -7.49 -0.18
N ILE B 186 -20.14 -6.85 0.95
CA ILE B 186 -19.51 -5.53 0.92
C ILE B 186 -18.00 -5.66 1.04
N SER B 187 -17.53 -6.34 2.08
CA SER B 187 -16.11 -6.59 2.25
C SER B 187 -15.65 -7.68 1.31
N ALA B 188 -14.57 -7.41 0.58
CA ALA B 188 -13.94 -8.49 -0.18
C ALA B 188 -13.73 -9.72 0.68
N THR B 189 -13.52 -9.54 1.98
CA THR B 189 -13.41 -10.71 2.86
C THR B 189 -14.63 -11.61 2.76
N SER B 190 -15.78 -11.03 2.40
CA SER B 190 -17.02 -11.77 2.33
C SER B 190 -17.38 -12.17 0.91
N ILE B 191 -16.69 -11.62 -0.09
CA ILE B 191 -16.77 -12.14 -1.45
C ILE B 191 -15.94 -13.41 -1.58
N PHE B 192 -14.72 -13.40 -1.04
CA PHE B 192 -13.79 -14.48 -1.29
C PHE B 192 -13.86 -15.57 -0.23
N PHE B 193 -14.41 -15.25 0.94
CA PHE B 193 -14.56 -16.18 2.02
C PHE B 193 -15.99 -16.03 2.54
N GLU B 194 -16.38 -16.90 3.47
CA GLU B 194 -17.72 -16.90 4.02
C GLU B 194 -17.65 -16.45 5.47
N SER B 195 -18.07 -15.22 5.73
CA SER B 195 -18.03 -14.64 7.07
C SER B 195 -19.40 -14.73 7.73
N MET B 196 -19.37 -14.87 9.05
CA MET B 196 -20.55 -14.70 9.87
C MET B 196 -20.14 -13.89 11.10
N PRO B 197 -20.82 -12.77 11.37
CA PRO B 197 -20.44 -11.95 12.53
C PRO B 197 -20.77 -12.63 13.85
N TYR B 198 -19.90 -12.45 14.83
CA TYR B 198 -20.27 -12.68 16.22
C TYR B 198 -20.56 -11.33 16.87
N LYS B 199 -21.39 -11.37 17.90
CA LYS B 199 -22.20 -10.22 18.22
C LYS B 199 -21.89 -9.68 19.60
N LEU B 200 -22.29 -8.43 19.81
CA LEU B 200 -22.18 -7.77 21.10
C LEU B 200 -23.44 -8.03 21.91
N ASN B 201 -23.27 -8.44 23.17
CA ASN B 201 -24.31 -8.46 24.19
C ASN B 201 -24.86 -7.05 24.38
N PRO B 202 -26.05 -6.74 23.89
CA PRO B 202 -26.47 -5.32 23.80
C PRO B 202 -26.82 -4.68 25.13
N LYS B 203 -26.56 -5.38 26.24
CA LYS B 203 -26.75 -4.83 27.57
C LYS B 203 -25.44 -4.53 28.28
N THR B 204 -24.43 -5.37 28.12
CA THR B 204 -23.12 -5.13 28.73
C THR B 204 -22.14 -4.40 27.80
N GLY B 205 -22.54 -4.14 26.54
CA GLY B 205 -21.65 -3.54 25.56
C GLY B 205 -20.37 -4.32 25.36
N LEU B 206 -20.31 -5.51 25.94
CA LEU B 206 -19.17 -6.40 25.88
C LEU B 206 -19.33 -7.41 24.73
N ILE B 207 -18.24 -8.10 24.44
CA ILE B 207 -18.24 -9.20 23.49
C ILE B 207 -19.00 -10.35 24.14
N ASP B 208 -20.12 -10.76 23.53
CA ASP B 208 -20.88 -11.88 24.05
C ASP B 208 -20.10 -13.18 23.87
N TYR B 209 -19.08 -13.39 24.72
CA TYR B 209 -18.28 -14.60 24.58
C TYR B 209 -19.14 -15.87 24.63
N ASN B 210 -20.29 -15.82 25.30
CA ASN B 210 -21.09 -17.03 25.43
C ASN B 210 -21.72 -17.40 24.09
N GLN B 211 -22.47 -16.48 23.50
CA GLN B 211 -23.06 -16.73 22.19
C GLN B 211 -21.99 -17.15 21.20
N LEU B 212 -20.93 -16.35 21.07
CA LEU B 212 -19.83 -16.68 20.15
C LEU B 212 -19.45 -18.15 20.21
N ALA B 213 -19.26 -18.70 21.41
CA ALA B 213 -18.96 -20.12 21.48
C ALA B 213 -20.13 -20.96 20.95
N LEU B 214 -21.36 -20.54 21.25
CA LEU B 214 -22.54 -21.26 20.75
C LEU B 214 -22.67 -21.08 19.24
N THR B 215 -22.73 -19.83 18.80
CA THR B 215 -22.83 -19.52 17.38
C THR B 215 -21.71 -20.18 16.58
N ALA B 216 -20.53 -20.37 17.19
CA ALA B 216 -19.39 -20.87 16.43
C ALA B 216 -19.29 -22.39 16.36
N ARG B 217 -19.76 -23.11 17.38
CA ARG B 217 -19.71 -24.56 17.32
C ARG B 217 -20.59 -25.09 16.20
N LEU B 218 -21.62 -24.32 15.83
CA LEU B 218 -22.48 -24.66 14.71
C LEU B 218 -21.92 -24.19 13.38
N PHE B 219 -21.47 -22.94 13.29
CA PHE B 219 -21.06 -22.37 12.01
C PHE B 219 -19.73 -22.95 11.53
N ARG B 220 -18.84 -23.31 12.43
CA ARG B 220 -17.61 -24.04 12.14
C ARG B 220 -16.55 -23.22 11.40
N PRO B 221 -16.24 -22.00 11.84
CA PRO B 221 -15.23 -21.19 11.15
C PRO B 221 -13.86 -21.84 11.27
N ARG B 222 -13.03 -21.68 10.24
CA ARG B 222 -11.63 -22.03 10.43
C ARG B 222 -10.82 -20.87 10.94
N LEU B 223 -11.40 -19.69 11.07
CA LEU B 223 -10.66 -18.53 11.54
C LEU B 223 -11.59 -17.61 12.31
N ILE B 224 -11.18 -17.22 13.51
CA ILE B 224 -11.90 -16.20 14.26
C ILE B 224 -10.94 -15.06 14.52
N ILE B 225 -11.46 -13.84 14.38
CA ILE B 225 -10.70 -12.61 14.44
C ILE B 225 -11.06 -11.89 15.74
N ALA B 226 -10.08 -11.72 16.62
CA ALA B 226 -10.25 -10.95 17.84
C ALA B 226 -9.55 -9.62 17.63
N GLY B 227 -10.31 -8.59 17.30
CA GLY B 227 -9.81 -7.22 17.28
C GLY B 227 -10.94 -6.32 16.85
N THR B 228 -10.73 -5.02 17.03
CA THR B 228 -11.85 -4.09 16.85
C THR B 228 -11.41 -2.74 16.31
N SER B 229 -12.41 -1.99 15.83
CA SER B 229 -12.32 -0.55 15.65
C SER B 229 -12.87 0.17 16.89
N ALA B 230 -14.18 0.05 17.09
CA ALA B 230 -14.92 0.88 18.04
C ALA B 230 -15.35 0.03 19.24
N TYR B 231 -14.38 -0.28 20.10
CA TYR B 231 -14.61 -1.05 21.32
C TYR B 231 -13.71 -0.49 22.40
N ALA B 232 -14.25 -0.27 23.59
CA ALA B 232 -13.53 0.45 24.63
C ALA B 232 -12.97 -0.46 25.72
N ARG B 233 -13.08 -1.77 25.58
CA ARG B 233 -12.67 -2.67 26.65
C ARG B 233 -11.61 -3.63 26.13
N LEU B 234 -10.97 -4.36 27.04
CA LEU B 234 -10.01 -5.36 26.62
C LEU B 234 -10.72 -6.58 26.01
N ILE B 235 -9.97 -7.34 25.19
CA ILE B 235 -10.46 -8.57 24.58
C ILE B 235 -9.94 -9.74 25.41
N ASP B 236 -10.76 -10.79 25.54
CA ASP B 236 -10.41 -11.94 26.36
C ASP B 236 -9.78 -13.03 25.48
N TYR B 237 -8.58 -12.74 25.01
CA TYR B 237 -7.90 -13.66 24.10
C TYR B 237 -7.81 -15.06 24.68
N ALA B 238 -7.81 -15.19 26.01
CA ALA B 238 -7.76 -16.51 26.62
C ALA B 238 -9.00 -17.32 26.27
N ARG B 239 -10.15 -16.65 26.21
CA ARG B 239 -11.43 -17.28 25.91
C ARG B 239 -11.59 -17.48 24.41
N MET B 240 -11.26 -16.44 23.62
CA MET B 240 -11.15 -16.59 22.18
C MET B 240 -10.33 -17.83 21.83
N ARG B 241 -9.18 -18.02 22.48
CA ARG B 241 -8.37 -19.19 22.17
C ARG B 241 -9.07 -20.48 22.56
N GLU B 242 -9.93 -20.44 23.56
CA GLU B 242 -10.67 -21.64 23.94
C GLU B 242 -11.75 -21.97 22.92
N VAL B 243 -12.60 -21.00 22.60
CA VAL B 243 -13.56 -21.18 21.51
C VAL B 243 -12.86 -21.68 20.25
N CYS B 244 -11.63 -21.20 20.00
CA CYS B 244 -10.87 -21.61 18.82
C CYS B 244 -10.30 -23.01 18.95
N ASP B 245 -9.77 -23.37 20.11
CA ASP B 245 -9.21 -24.71 20.25
C ASP B 245 -10.30 -25.76 20.14
N GLU B 246 -11.55 -25.38 20.42
CA GLU B 246 -12.67 -26.30 20.43
C GLU B 246 -13.17 -26.58 19.01
N VAL B 247 -13.56 -25.53 18.28
CA VAL B 247 -14.03 -25.64 16.90
C VAL B 247 -12.83 -25.83 15.98
N LYS B 248 -11.64 -25.98 16.57
CA LYS B 248 -10.40 -26.15 15.84
C LYS B 248 -10.21 -25.06 14.78
N ALA B 249 -10.48 -23.82 15.19
CA ALA B 249 -10.24 -22.65 14.35
C ALA B 249 -8.87 -22.05 14.64
N HIS B 250 -8.41 -21.22 13.70
CA HIS B 250 -7.25 -20.38 13.90
C HIS B 250 -7.63 -19.13 14.68
N LEU B 251 -6.76 -18.72 15.59
CA LEU B 251 -6.94 -17.49 16.34
C LEU B 251 -6.08 -16.39 15.73
N LEU B 252 -6.73 -15.37 15.20
CA LEU B 252 -6.07 -14.20 14.64
C LEU B 252 -6.43 -12.98 15.48
N ALA B 253 -5.42 -12.34 16.04
CA ALA B 253 -5.59 -11.07 16.72
C ALA B 253 -5.26 -9.95 15.75
N ASP B 254 -6.23 -9.07 15.50
CA ASP B 254 -6.04 -7.89 14.67
C ASP B 254 -5.96 -6.71 15.63
N MET B 255 -4.74 -6.34 16.03
CA MET B 255 -4.56 -5.39 17.11
C MET B 255 -4.35 -3.96 16.63
N ALA B 256 -4.75 -3.63 15.40
CA ALA B 256 -4.46 -2.32 14.83
C ALA B 256 -4.61 -1.18 15.85
N HIS B 257 -5.79 -1.06 16.45
CA HIS B 257 -6.08 0.13 17.25
C HIS B 257 -5.21 0.22 18.49
N ILE B 258 -4.81 -0.91 19.05
CA ILE B 258 -4.20 -0.95 20.37
C ILE B 258 -2.75 -1.40 20.34
N SER B 259 -2.15 -1.52 19.15
CA SER B 259 -0.82 -2.11 19.05
C SER B 259 0.22 -1.34 19.85
N GLY B 260 0.07 -0.03 19.99
CA GLY B 260 1.01 0.74 20.78
C GLY B 260 0.85 0.45 22.27
N LEU B 261 -0.40 0.32 22.72
CA LEU B 261 -0.63 -0.08 24.10
C LEU B 261 -0.03 -1.45 24.39
N VAL B 262 -0.05 -2.35 23.41
CA VAL B 262 0.53 -3.67 23.63
C VAL B 262 2.04 -3.61 23.71
N ALA B 263 2.67 -2.79 22.87
CA ALA B 263 4.13 -2.76 22.88
C ALA B 263 4.65 -2.16 24.18
N ALA B 264 4.01 -1.09 24.66
CA ALA B 264 4.27 -0.46 25.95
C ALA B 264 3.82 -1.29 27.15
N LYS B 265 3.30 -2.49 26.94
CA LYS B 265 2.80 -3.35 28.03
C LYS B 265 1.87 -2.56 28.96
N VAL B 266 1.07 -1.70 28.37
CA VAL B 266 0.07 -0.98 29.15
C VAL B 266 -1.22 -1.78 29.29
N ILE B 267 -1.50 -2.69 28.34
CA ILE B 267 -2.60 -3.64 28.46
C ILE B 267 -2.07 -5.02 28.12
N PRO B 268 -2.85 -6.07 28.35
CA PRO B 268 -2.36 -7.43 28.10
C PRO B 268 -2.11 -7.68 26.61
N SER B 269 -1.15 -8.58 26.32
CA SER B 269 -0.67 -8.89 24.97
C SER B 269 -1.52 -9.98 24.32
N PRO B 270 -2.04 -9.77 23.10
CA PRO B 270 -2.64 -10.89 22.36
C PRO B 270 -1.65 -12.00 22.04
N PHE B 271 -0.35 -11.71 22.02
CA PHE B 271 0.59 -12.75 21.62
C PHE B 271 0.67 -13.91 22.60
N LYS B 272 0.03 -13.80 23.77
CA LYS B 272 -0.01 -14.94 24.67
C LYS B 272 -0.82 -16.06 24.07
N HIS B 273 -1.93 -15.73 23.42
CA HIS B 273 -2.95 -16.71 23.00
C HIS B 273 -3.02 -16.90 21.50
N ALA B 274 -2.84 -15.84 20.72
CA ALA B 274 -3.07 -15.94 19.29
C ALA B 274 -1.94 -16.69 18.61
N ASP B 275 -2.27 -17.35 17.50
CA ASP B 275 -1.27 -17.89 16.61
C ASP B 275 -0.77 -16.85 15.62
N ILE B 276 -1.62 -15.89 15.27
CA ILE B 276 -1.33 -14.87 14.28
C ILE B 276 -1.85 -13.54 14.78
N VAL B 277 -1.07 -12.49 14.55
CA VAL B 277 -1.44 -11.12 14.92
C VAL B 277 -1.14 -10.22 13.75
N THR B 278 -2.06 -9.32 13.45
CA THR B 278 -1.90 -8.36 12.38
C THR B 278 -2.14 -6.96 12.94
N THR B 279 -1.50 -5.98 12.31
CA THR B 279 -1.67 -4.64 12.83
C THR B 279 -1.36 -3.63 11.75
N THR B 280 -2.03 -2.48 11.82
CA THR B 280 -1.47 -1.27 11.23
C THR B 280 -0.17 -0.93 11.95
N THR B 281 0.69 -0.17 11.28
CA THR B 281 1.85 0.41 11.95
C THR B 281 1.61 1.85 12.38
N HIS B 282 0.51 2.44 11.94
CA HIS B 282 0.07 3.73 12.42
C HIS B 282 -0.90 3.54 13.60
N THR B 284 -2.17 3.84 17.26
CA THR B 284 -1.46 4.05 18.53
C THR B 284 0.02 3.72 18.42
N LEU B 285 0.42 3.01 17.37
CA LEU B 285 1.83 2.74 17.18
C LEU B 285 2.58 3.97 16.67
N ARG B 286 1.85 4.97 16.17
CA ARG B 286 2.42 6.27 15.80
C ARG B 286 3.45 6.14 14.67
N GLY B 287 3.34 5.11 13.84
CA GLY B 287 4.23 4.91 12.73
C GLY B 287 3.72 5.56 11.46
N ALA B 288 4.41 5.27 10.37
CA ALA B 288 3.90 5.58 9.04
C ALA B 288 2.84 4.56 8.65
N ARG B 289 2.01 4.91 7.67
CA ARG B 289 0.97 3.98 7.23
C ARG B 289 1.56 2.71 6.62
N SER B 290 1.41 1.59 7.31
CA SER B 290 1.87 0.30 6.80
C SER B 290 1.17 -0.81 7.57
N GLY B 291 1.63 -2.04 7.40
CA GLY B 291 1.03 -3.15 8.11
C GLY B 291 2.07 -4.20 8.45
N LEU B 292 1.71 -5.05 9.42
CA LEU B 292 2.58 -6.12 9.87
C LEU B 292 1.75 -7.39 10.07
N ILE B 293 2.38 -8.54 9.83
CA ILE B 293 1.79 -9.83 10.14
C ILE B 293 2.76 -10.59 11.02
N PHE B 294 2.37 -10.86 12.26
CA PHE B 294 3.13 -11.69 13.19
C PHE B 294 2.55 -13.10 13.20
N TYR B 295 3.41 -14.10 13.12
CA TYR B 295 2.99 -15.49 13.10
C TYR B 295 3.84 -16.32 14.04
N ARG B 296 3.21 -17.31 14.66
CA ARG B 296 3.94 -18.30 15.43
C ARG B 296 4.78 -19.18 14.51
N LYS B 297 6.04 -19.42 14.90
CA LYS B 297 6.91 -20.32 14.19
C LYS B 297 7.51 -21.31 15.17
N GLY B 298 8.23 -22.29 14.63
CA GLY B 298 8.79 -23.34 15.46
C GLY B 298 7.78 -24.43 15.79
N VAL B 299 8.06 -25.14 16.86
CA VAL B 299 7.30 -26.34 17.20
C VAL B 299 6.08 -25.95 18.02
N LYS B 300 4.94 -26.55 17.67
CA LYS B 300 3.65 -26.21 18.27
C LYS B 300 3.25 -27.15 19.39
N ALA B 301 3.54 -28.44 19.24
CA ALA B 301 3.16 -29.47 20.20
C ALA B 301 3.47 -30.84 19.61
N VAL B 302 3.38 -31.89 20.40
CA VAL B 302 3.51 -33.27 19.91
C VAL B 302 2.89 -34.21 20.93
N ASP B 303 1.56 -34.31 20.87
CA ASP B 303 0.74 -35.21 21.67
C ASP B 303 0.10 -36.29 20.79
N PRO B 304 -0.16 -36.03 19.49
CA PRO B 304 -0.78 -37.07 18.66
C PRO B 304 0.24 -37.97 17.98
N LYS B 305 0.74 -37.55 16.82
CA LYS B 305 1.60 -38.39 15.99
C LYS B 305 2.96 -38.58 16.65
N THR B 306 3.23 -39.81 17.13
CA THR B 306 4.51 -40.20 17.72
C THR B 306 5.13 -39.10 18.57
N GLY B 307 6.37 -38.75 18.25
CA GLY B 307 7.04 -37.62 18.89
C GLY B 307 7.85 -36.83 17.89
N ARG B 308 7.20 -35.90 17.20
CA ARG B 308 7.84 -35.22 16.08
C ARG B 308 7.56 -33.72 16.08
N GLU B 309 7.28 -33.15 17.25
CA GLU B 309 7.10 -31.71 17.42
C GLU B 309 6.40 -31.08 16.22
N ILE B 310 5.08 -31.23 16.14
CA ILE B 310 4.29 -30.70 15.03
C ILE B 310 4.65 -29.23 14.83
N PRO B 311 5.47 -28.90 13.83
CA PRO B 311 5.86 -27.49 13.65
C PRO B 311 4.67 -26.66 13.23
N TYR B 312 4.62 -25.43 13.74
CA TYR B 312 3.78 -24.43 13.12
C TYR B 312 4.15 -24.31 11.66
N THR B 313 3.14 -24.20 10.79
CA THR B 313 3.35 -24.04 9.35
C THR B 313 2.87 -22.69 8.85
N PHE B 314 2.80 -21.70 9.73
CA PHE B 314 2.33 -20.38 9.33
C PHE B 314 3.36 -19.67 8.46
N GLU B 315 4.62 -19.64 8.90
CA GLU B 315 5.64 -18.80 8.31
C GLU B 315 5.62 -18.85 6.78
N ASP B 316 5.84 -20.02 6.20
CA ASP B 316 5.95 -20.10 4.76
C ASP B 316 4.69 -19.62 4.06
N ARG B 317 3.51 -19.99 4.58
CA ARG B 317 2.27 -19.64 3.89
C ARG B 317 1.99 -18.14 3.99
N ILE B 318 2.20 -17.56 5.17
CA ILE B 318 2.09 -16.11 5.34
C ILE B 318 2.99 -15.40 4.35
N ASN B 319 4.28 -15.75 4.33
CA ASN B 319 5.22 -15.00 3.50
C ASN B 319 4.90 -15.17 2.02
N PHE B 320 4.54 -16.39 1.59
CA PHE B 320 4.23 -16.63 0.20
C PHE B 320 2.96 -15.89 -0.23
N ALA B 321 1.96 -15.82 0.65
CA ALA B 321 0.74 -15.10 0.32
C ALA B 321 1.01 -13.62 0.09
N VAL B 322 1.83 -13.02 0.96
CA VAL B 322 2.23 -11.62 0.76
C VAL B 322 2.93 -11.47 -0.58
N PHE B 323 3.95 -12.30 -0.83
CA PHE B 323 4.65 -12.28 -2.09
C PHE B 323 5.11 -13.71 -2.37
N PRO B 324 4.82 -14.27 -3.55
CA PRO B 324 4.30 -13.60 -4.75
C PRO B 324 2.78 -13.49 -4.92
N SER B 325 1.95 -14.02 -4.02
CA SER B 325 0.53 -14.17 -4.33
C SER B 325 -0.18 -12.83 -4.45
N LEU B 326 0.01 -11.93 -3.48
CA LEU B 326 -0.85 -10.74 -3.42
C LEU B 326 -0.16 -9.45 -3.86
N GLN B 327 0.98 -9.11 -3.26
CA GLN B 327 1.57 -7.80 -3.42
C GLN B 327 2.65 -7.83 -4.51
N GLY B 328 3.24 -6.67 -4.75
CA GLY B 328 4.32 -6.54 -5.72
C GLY B 328 5.59 -6.10 -5.03
N GLY B 329 6.27 -5.10 -5.57
CA GLY B 329 7.45 -4.56 -4.94
C GLY B 329 7.14 -4.03 -3.55
N PRO B 330 7.96 -4.41 -2.57
CA PRO B 330 7.88 -3.81 -1.24
C PRO B 330 8.06 -2.30 -1.32
N HIS B 331 7.44 -1.60 -0.38
CA HIS B 331 7.63 -0.15 -0.23
C HIS B 331 8.72 0.04 0.83
N ASN B 332 9.97 0.16 0.37
CA ASN B 332 11.09 0.13 1.31
C ASN B 332 11.15 1.40 2.15
N HIS B 333 10.74 2.54 1.58
CA HIS B 333 10.62 3.76 2.38
C HIS B 333 9.65 3.55 3.54
N ALA B 334 8.53 2.86 3.29
CA ALA B 334 7.61 2.57 4.38
C ALA B 334 8.25 1.62 5.39
N ILE B 335 8.94 0.59 4.91
CA ILE B 335 9.55 -0.37 5.83
C ILE B 335 10.55 0.34 6.75
N ALA B 336 11.37 1.24 6.18
CA ALA B 336 12.32 1.99 7.01
C ALA B 336 11.59 2.88 8.01
N ALA B 337 10.52 3.55 7.59
CA ALA B 337 9.81 4.44 8.50
C ALA B 337 9.19 3.66 9.64
N VAL B 338 8.67 2.46 9.32
CA VAL B 338 8.13 1.59 10.36
C VAL B 338 9.22 1.20 11.35
N ALA B 339 10.38 0.78 10.83
CA ALA B 339 11.52 0.48 11.69
C ALA B 339 11.85 1.66 12.61
N VAL B 340 11.79 2.90 12.11
CA VAL B 340 12.03 4.04 12.98
C VAL B 340 10.96 4.10 14.06
N ALA B 341 9.69 3.97 13.67
CA ALA B 341 8.61 4.02 14.65
C ALA B 341 8.71 2.87 15.64
N LEU B 342 9.13 1.68 15.18
CA LEU B 342 9.25 0.54 16.07
C LEU B 342 10.34 0.76 17.11
N LYS B 343 11.45 1.36 16.72
CA LYS B 343 12.51 1.68 17.69
C LYS B 343 11.97 2.60 18.77
N GLN B 344 11.29 3.68 18.38
CA GLN B 344 10.71 4.60 19.36
C GLN B 344 9.79 3.88 20.32
N ALA B 345 9.02 2.92 19.82
CA ALA B 345 8.04 2.20 20.63
C ALA B 345 8.70 1.30 21.67
N CYS B 346 9.97 0.94 21.47
CA CYS B 346 10.75 0.16 22.43
C CYS B 346 11.23 0.98 23.63
N THR B 347 10.98 2.28 23.67
CA THR B 347 11.71 3.06 24.66
C THR B 347 10.85 3.38 25.87
N PRO B 348 11.51 3.66 27.00
CA PRO B 348 10.78 4.19 28.16
C PRO B 348 9.88 5.36 27.79
N MET B 349 10.34 6.23 26.90
CA MET B 349 9.53 7.37 26.50
C MET B 349 8.17 6.93 25.96
N PHE B 350 8.12 5.80 25.23
CA PHE B 350 6.87 5.40 24.60
C PHE B 350 5.90 4.78 25.60
N ARG B 351 6.40 3.96 26.53
CA ARG B 351 5.57 3.50 27.63
C ARG B 351 4.92 4.66 28.38
N GLU B 352 5.69 5.72 28.61
CA GLU B 352 5.14 6.91 29.27
C GLU B 352 4.03 7.54 28.44
N TYR B 353 4.29 7.74 27.14
CA TYR B 353 3.23 8.14 26.22
C TYR B 353 2.00 7.23 26.35
N SER B 354 2.22 5.91 26.40
CA SER B 354 1.11 4.95 26.40
C SER B 354 0.25 5.07 27.66
N LEU B 355 0.90 5.12 28.82
CA LEU B 355 0.20 5.37 30.07
C LEU B 355 -0.59 6.66 30.00
N GLN B 356 0.05 7.74 29.52
CA GLN B 356 -0.68 8.99 29.37
C GLN B 356 -1.89 8.83 28.45
N VAL B 357 -1.75 7.99 27.41
CA VAL B 357 -2.90 7.70 26.54
C VAL B 357 -4.04 7.13 27.37
N LEU B 358 -3.77 6.06 28.11
CA LEU B 358 -4.77 5.47 28.98
C LEU B 358 -5.36 6.49 29.95
N LYS B 359 -4.48 7.18 30.70
CA LYS B 359 -4.93 8.22 31.64
C LYS B 359 -5.83 9.23 30.96
N ASN B 360 -5.46 9.66 29.75
CA ASN B 360 -6.24 10.68 29.07
C ASN B 360 -7.56 10.13 28.57
N ALA B 361 -7.61 8.83 28.28
CA ALA B 361 -8.88 8.20 27.93
C ALA B 361 -9.76 8.07 29.16
N ARG B 362 -9.24 7.42 30.21
CA ARG B 362 -9.95 7.36 31.49
C ARG B 362 -10.38 8.75 31.92
N ALA B 363 -9.47 9.71 31.90
CA ALA B 363 -9.82 11.09 32.24
C ALA B 363 -10.88 11.63 31.29
N MET B 364 -10.86 11.20 30.04
CA MET B 364 -11.92 11.61 29.12
C MET B 364 -13.24 10.96 29.49
N ALA B 365 -13.20 9.69 29.90
CA ALA B 365 -14.41 8.97 30.29
C ALA B 365 -15.04 9.61 31.53
N ASP B 366 -14.28 9.65 32.64
CA ASP B 366 -14.76 10.30 33.85
C ASP B 366 -15.25 11.72 33.59
N ALA B 367 -14.49 12.51 32.85
CA ALA B 367 -14.96 13.85 32.50
C ALA B 367 -16.36 13.81 31.88
N LEU B 368 -16.66 12.76 31.10
CA LEU B 368 -17.96 12.67 30.44
C LEU B 368 -19.02 12.09 31.37
N LEU B 369 -18.70 10.98 32.04
CA LEU B 369 -19.55 10.45 33.09
C LEU B 369 -19.86 11.48 34.16
N GLU B 370 -19.02 12.53 34.26
CA GLU B 370 -19.24 13.59 35.24
C GLU B 370 -20.30 14.57 34.80
N ARG B 371 -20.42 14.84 33.50
CA ARG B 371 -21.55 15.60 32.98
C ARG B 371 -22.71 14.72 32.56
N GLY B 372 -22.76 13.48 33.08
CA GLY B 372 -23.90 12.60 32.92
C GLY B 372 -23.89 11.72 31.68
N TYR B 373 -22.98 11.96 30.74
CA TYR B 373 -22.87 11.12 29.55
C TYR B 373 -22.76 9.66 29.93
N SER B 374 -23.37 8.80 29.11
CA SER B 374 -23.31 7.36 29.30
C SER B 374 -22.29 6.75 28.34
N LEU B 375 -21.60 5.73 28.82
CA LEU B 375 -20.54 5.07 28.06
C LEU B 375 -20.93 3.61 27.86
N VAL B 376 -21.22 3.23 26.62
CA VAL B 376 -21.32 1.83 26.30
C VAL B 376 -20.05 1.15 26.78
N SER B 377 -20.20 0.03 27.50
CA SER B 377 -19.08 -0.66 28.16
C SER B 377 -19.03 -0.25 29.63
N GLY B 378 -19.44 0.99 29.92
CA GLY B 378 -19.27 1.57 31.24
C GLY B 378 -17.99 2.35 31.43
N GLY B 379 -17.43 2.93 30.36
CA GLY B 379 -16.18 3.65 30.45
C GLY B 379 -15.19 3.16 29.41
N THR B 380 -13.91 3.07 29.79
CA THR B 380 -12.92 2.50 28.89
C THR B 380 -11.83 1.80 29.68
N ASP B 381 -10.98 1.10 28.95
CA ASP B 381 -9.75 0.50 29.44
C ASP B 381 -8.67 0.57 28.37
N ASN B 382 -8.87 1.43 27.36
CA ASN B 382 -7.89 1.62 26.31
C ASN B 382 -7.86 3.08 25.88
N HIS B 383 -7.53 3.32 24.63
CA HIS B 383 -7.22 4.65 24.13
C HIS B 383 -8.46 5.43 23.71
N LEU B 384 -9.64 4.84 23.82
CA LEU B 384 -10.84 5.48 23.27
C LEU B 384 -12.01 5.26 24.20
N VAL B 385 -13.03 6.09 24.00
CA VAL B 385 -14.28 5.99 24.73
C VAL B 385 -15.42 6.05 23.71
N LEU B 386 -16.41 5.18 23.91
CA LEU B 386 -17.61 5.14 23.09
C LEU B 386 -18.71 5.85 23.86
N VAL B 387 -19.21 6.96 23.32
CA VAL B 387 -20.20 7.76 24.03
C VAL B 387 -21.54 7.55 23.36
N ASP B 388 -22.47 6.99 24.14
CA ASP B 388 -23.87 6.85 23.72
C ASP B 388 -24.54 8.20 23.90
N LEU B 389 -24.73 8.93 22.80
CA LEU B 389 -25.40 10.21 22.86
C LEU B 389 -26.91 10.09 22.93
N ARG B 390 -27.46 8.86 22.88
CA ARG B 390 -28.91 8.71 22.84
C ARG B 390 -29.57 9.15 24.14
N PRO B 391 -29.17 8.65 25.32
CA PRO B 391 -29.80 9.12 26.57
C PRO B 391 -29.86 10.64 26.69
N LYS B 392 -28.90 11.37 26.13
CA LYS B 392 -28.97 12.83 26.16
C LYS B 392 -29.75 13.40 24.97
N GLY B 393 -30.56 12.57 24.32
CA GLY B 393 -31.38 13.06 23.21
C GLY B 393 -30.59 13.66 22.07
N LEU B 394 -29.47 13.02 21.70
CA LEU B 394 -28.71 13.39 20.53
C LEU B 394 -28.11 12.13 19.92
N ASP B 395 -27.70 12.24 18.65
CA ASP B 395 -27.16 11.11 17.90
C ASP B 395 -25.69 11.35 17.55
N GLY B 396 -25.03 10.27 17.12
CA GLY B 396 -23.64 10.37 16.74
C GLY B 396 -23.39 11.24 15.52
N ALA B 397 -24.32 11.25 14.56
CA ALA B 397 -24.10 12.03 13.35
C ALA B 397 -24.13 13.51 13.65
N ARG B 398 -25.17 13.96 14.34
CA ARG B 398 -25.38 15.39 14.56
C ARG B 398 -24.20 16.01 15.31
N ALA B 399 -23.78 15.38 16.39
CA ALA B 399 -22.61 15.83 17.14
C ALA B 399 -21.42 16.08 16.22
N GLU B 400 -21.13 15.12 15.34
CA GLU B 400 -19.91 15.19 14.55
C GLU B 400 -19.87 16.45 13.69
N ARG B 401 -20.92 16.69 12.90
CA ARG B 401 -20.89 17.86 12.02
C ARG B 401 -20.67 19.14 12.82
N VAL B 402 -21.23 19.20 14.03
CA VAL B 402 -21.06 20.39 14.88
C VAL B 402 -19.63 20.49 15.36
N LEU B 403 -19.14 19.44 16.03
CA LEU B 403 -17.77 19.40 16.49
C LEU B 403 -16.79 19.77 15.38
N GLU B 404 -16.92 19.12 14.22
CA GLU B 404 -16.01 19.42 13.11
C GLU B 404 -16.00 20.91 12.76
N LEU B 405 -17.14 21.59 12.91
CA LEU B 405 -17.21 22.99 12.52
C LEU B 405 -16.48 23.91 13.49
N VAL B 406 -16.24 23.44 14.70
CA VAL B 406 -15.42 24.17 15.66
C VAL B 406 -14.10 23.41 15.82
N SER B 407 -13.55 22.93 14.71
CA SER B 407 -12.19 22.39 14.66
C SER B 407 -11.97 21.23 15.64
N ILE B 408 -13.05 20.53 16.01
CA ILE B 408 -12.97 19.27 16.75
C ILE B 408 -13.41 18.15 15.82
N THR B 409 -12.59 17.10 15.73
CA THR B 409 -12.82 16.00 14.78
C THR B 409 -12.90 14.68 15.53
N ALA B 410 -14.03 14.00 15.38
CA ALA B 410 -14.17 12.61 15.75
C ALA B 410 -15.02 11.95 14.66
N ASN B 411 -15.48 10.72 14.90
CA ASN B 411 -16.36 10.05 13.95
C ASN B 411 -17.62 9.56 14.65
N LYS B 412 -18.76 9.82 14.03
CA LYS B 412 -20.00 9.13 14.38
C LYS B 412 -19.81 7.62 14.25
N ASN B 413 -20.41 6.87 15.16
CA ASN B 413 -20.47 5.42 15.01
C ASN B 413 -21.77 4.90 15.62
N THR B 414 -22.07 3.64 15.34
CA THR B 414 -23.31 3.05 15.81
C THR B 414 -23.10 2.45 17.20
N CYS B 415 -24.18 2.42 17.98
CA CYS B 415 -24.22 1.95 19.35
C CYS B 415 -25.18 0.78 19.48
N PRO B 416 -25.06 -0.02 20.54
CA PRO B 416 -25.95 -1.17 20.72
C PRO B 416 -27.42 -0.77 20.56
N GLY B 417 -28.14 -1.55 19.75
CA GLY B 417 -29.51 -1.21 19.40
C GLY B 417 -29.59 -0.26 18.22
N ASP B 418 -29.72 1.04 18.49
CA ASP B 418 -29.64 2.06 17.46
C ASP B 418 -30.85 2.00 16.52
N ARG B 419 -30.59 1.99 15.21
CA ARG B 419 -31.62 1.96 14.18
C ARG B 419 -31.08 2.41 12.83
N SER B 420 -31.35 3.65 12.45
CA SER B 420 -30.94 4.17 11.14
C SER B 420 -29.43 4.37 11.09
N ALA B 421 -28.79 3.72 10.12
CA ALA B 421 -27.34 3.91 9.94
C ALA B 421 -26.98 5.31 9.51
N ILE B 422 -27.96 6.14 9.13
CA ILE B 422 -27.70 7.55 8.83
C ILE B 422 -27.49 8.34 10.11
N THR B 423 -28.33 8.10 11.09
CA THR B 423 -28.31 8.71 12.41
C THR B 423 -27.82 7.70 13.43
N PRO B 424 -26.52 7.41 13.47
CA PRO B 424 -26.00 6.44 14.45
C PRO B 424 -26.04 7.01 15.86
N GLY B 425 -25.75 6.12 16.82
CA GLY B 425 -26.02 6.33 18.21
C GLY B 425 -24.92 6.93 19.06
N GLY B 426 -23.71 7.08 18.53
CA GLY B 426 -22.63 7.51 19.39
C GLY B 426 -21.56 8.31 18.68
N LEU B 427 -20.56 8.66 19.46
CA LEU B 427 -19.35 9.26 18.93
C LEU B 427 -18.18 8.40 19.40
N ARG B 428 -17.24 8.15 18.50
CA ARG B 428 -15.99 7.53 18.92
C ARG B 428 -14.98 8.63 19.21
N LEU B 429 -14.29 8.49 20.35
CA LEU B 429 -13.36 9.51 20.83
C LEU B 429 -12.08 8.81 21.26
N GLY B 430 -10.95 9.28 20.73
CA GLY B 430 -9.66 8.71 21.06
C GLY B 430 -8.72 9.75 21.63
N ALA B 431 -7.78 9.25 22.43
CA ALA B 431 -6.70 10.00 23.05
C ALA B 431 -5.53 10.16 22.07
N PRO B 432 -4.99 9.03 21.53
CA PRO B 432 -3.59 8.99 21.09
C PRO B 432 -3.09 10.28 20.44
N ALA B 433 -3.89 10.89 19.56
CA ALA B 433 -3.39 12.03 18.81
C ALA B 433 -2.98 13.16 19.74
N LEU B 434 -3.95 13.67 20.52
CA LEU B 434 -3.68 14.80 21.40
C LEU B 434 -2.64 14.44 22.45
N THR B 435 -2.64 13.20 22.93
CA THR B 435 -1.60 12.77 23.87
C THR B 435 -0.20 12.93 23.27
N SER B 436 -0.06 12.75 21.95
CA SER B 436 1.24 12.96 21.30
C SER B 436 1.62 14.43 21.22
N ARG B 437 0.64 15.33 21.39
CA ARG B 437 0.89 16.74 21.56
C ARG B 437 1.10 17.13 23.03
N GLN B 438 1.45 16.16 23.88
CA GLN B 438 1.68 16.40 25.30
C GLN B 438 0.40 16.82 26.03
N PHE B 439 -0.75 16.31 25.63
CA PHE B 439 -1.96 16.64 26.37
C PHE B 439 -2.00 15.86 27.66
N ARG B 440 -2.64 16.46 28.66
CA ARG B 440 -2.74 15.91 30.01
C ARG B 440 -4.20 15.95 30.43
N GLU B 441 -4.49 15.31 31.58
CA GLU B 441 -5.89 15.10 31.97
C GLU B 441 -6.65 16.41 32.02
N ASP B 442 -6.09 17.42 32.71
CA ASP B 442 -6.68 18.75 32.73
C ASP B 442 -6.93 19.27 31.32
N ASP B 443 -6.02 18.94 30.39
CA ASP B 443 -6.18 19.36 29.01
C ASP B 443 -7.39 18.68 28.38
N PHE B 444 -7.50 17.36 28.56
CA PHE B 444 -8.65 16.64 28.01
C PHE B 444 -9.95 17.13 28.65
N ARG B 445 -9.96 17.31 29.97
CA ARG B 445 -11.15 17.84 30.63
C ARG B 445 -11.59 19.15 30.00
N ARG B 446 -10.63 20.00 29.61
CA ARG B 446 -11.01 21.19 28.84
C ARG B 446 -11.49 20.80 27.45
N VAL B 447 -11.03 19.66 26.93
CA VAL B 447 -11.55 19.18 25.66
C VAL B 447 -13.01 18.79 25.82
N VAL B 448 -13.31 17.94 26.82
CA VAL B 448 -14.69 17.55 27.10
C VAL B 448 -15.56 18.79 27.27
N ASP B 449 -15.06 19.79 28.00
CA ASP B 449 -15.80 21.04 28.16
C ASP B 449 -16.09 21.68 26.81
N PHE B 450 -15.11 21.70 25.91
CA PHE B 450 -15.35 22.21 24.56
C PHE B 450 -16.33 21.31 23.81
N ILE B 451 -16.17 19.99 23.94
CA ILE B 451 -17.12 19.05 23.34
C ILE B 451 -18.53 19.35 23.85
N ASP B 452 -18.67 19.41 25.19
CA ASP B 452 -19.96 19.62 25.81
C ASP B 452 -20.63 20.88 25.30
N GLU B 453 -19.88 21.94 25.04
CA GLU B 453 -20.52 23.12 24.47
C GLU B 453 -20.92 22.87 23.03
N GLY B 454 -20.30 21.89 22.37
CA GLY B 454 -20.66 21.51 21.02
C GLY B 454 -21.97 20.73 20.97
N VAL B 455 -22.04 19.64 21.75
CA VAL B 455 -23.29 18.91 21.92
C VAL B 455 -24.41 19.87 22.31
N ASN B 456 -24.15 20.75 23.29
CA ASN B 456 -25.15 21.71 23.73
C ASN B 456 -25.60 22.60 22.58
N ILE B 457 -24.68 22.99 21.69
CA ILE B 457 -25.11 23.61 20.45
C ILE B 457 -25.88 22.62 19.61
N GLY B 458 -25.47 21.34 19.66
CA GLY B 458 -26.12 20.33 18.83
C GLY B 458 -27.49 19.96 19.35
N LEU B 459 -27.61 19.76 20.67
CA LEU B 459 -28.92 19.61 21.29
C LEU B 459 -29.79 20.83 21.02
N GLU B 460 -29.24 22.03 21.20
CA GLU B 460 -30.05 23.23 20.94
C GLU B 460 -30.42 23.33 19.46
N VAL B 461 -29.53 22.88 18.57
CA VAL B 461 -29.79 23.05 17.14
C VAL B 461 -30.88 22.09 16.66
N LYS B 462 -31.01 20.94 17.32
CA LYS B 462 -31.97 19.91 16.94
C LYS B 462 -33.40 20.27 17.31
N SER B 463 -33.58 21.03 18.40
CA SER B 463 -34.90 21.51 18.80
C SER B 463 -35.50 22.45 17.76
N LYS B 464 -34.66 23.18 17.02
CA LYS B 464 -35.11 24.19 16.09
C LYS B 464 -35.14 23.71 14.63
N THR B 465 -34.93 22.40 14.40
CA THR B 465 -34.84 21.87 13.05
C THR B 465 -35.50 20.48 13.00
N ALA B 466 -35.41 19.84 11.83
CA ALA B 466 -36.16 18.62 11.55
C ALA B 466 -35.28 17.41 11.26
N LYS B 467 -34.77 17.30 10.03
CA LYS B 467 -33.99 16.16 9.60
C LYS B 467 -32.49 16.47 9.66
N LEU B 468 -31.67 15.54 9.18
CA LEU B 468 -30.22 15.74 9.20
C LEU B 468 -29.77 16.74 8.15
N GLN B 469 -30.54 16.90 7.07
CA GLN B 469 -30.17 17.91 6.08
C GLN B 469 -30.36 19.32 6.63
N ASP B 470 -31.43 19.54 7.41
CA ASP B 470 -31.64 20.85 8.03
C ASP B 470 -30.63 21.11 9.14
N PHE B 471 -30.37 20.08 9.96
CA PHE B 471 -29.48 20.21 11.10
C PHE B 471 -28.07 20.61 10.68
N LYS B 472 -27.68 20.31 9.43
CA LYS B 472 -26.36 20.65 8.88
C LYS B 472 -26.37 22.03 8.22
N SER B 473 -27.41 22.31 7.43
CA SER B 473 -27.55 23.65 6.88
C SER B 473 -27.80 24.66 7.99
N PHE B 474 -28.53 24.25 9.03
CA PHE B 474 -28.72 25.13 10.19
C PHE B 474 -27.38 25.58 10.75
N LEU B 475 -26.41 24.67 10.84
CA LEU B 475 -25.11 25.01 11.41
C LEU B 475 -24.44 26.13 10.64
N LEU B 476 -24.63 26.17 9.34
CA LEU B 476 -23.93 27.12 8.48
C LEU B 476 -24.79 28.31 8.11
N LYS B 477 -26.10 28.25 8.40
CA LYS B 477 -27.08 29.21 7.90
C LYS B 477 -27.51 30.22 8.97
N ASP B 478 -28.00 29.74 10.12
CA ASP B 478 -28.53 30.63 11.14
C ASP B 478 -27.44 31.55 11.70
N SER B 479 -27.53 32.84 11.38
CA SER B 479 -26.52 33.80 11.83
C SER B 479 -26.30 33.73 13.34
N GLU B 480 -27.31 33.37 14.12
CA GLU B 480 -27.11 33.25 15.55
C GLU B 480 -26.30 31.99 15.88
N THR B 481 -26.67 30.85 15.28
CA THR B 481 -25.90 29.63 15.49
C THR B 481 -24.54 29.72 14.80
N SER B 482 -24.48 30.36 13.64
CA SER B 482 -23.21 30.59 12.95
C SER B 482 -22.26 31.39 13.84
N GLN B 483 -22.68 32.61 14.21
CA GLN B 483 -21.86 33.48 15.04
C GLN B 483 -21.42 32.78 16.31
N ARG B 484 -22.29 31.95 16.89
CA ARG B 484 -21.88 31.21 18.08
C ARG B 484 -20.84 30.16 17.75
N LEU B 485 -20.93 29.54 16.56
CA LEU B 485 -19.92 28.57 16.14
C LEU B 485 -18.57 29.23 15.90
N ALA B 486 -18.58 30.35 15.17
CA ALA B 486 -17.35 31.07 14.87
C ALA B 486 -16.56 31.38 16.13
N ASN B 487 -17.24 31.78 17.20
CA ASN B 487 -16.56 32.11 18.45
C ASN B 487 -16.00 30.85 19.11
N LEU B 488 -16.83 29.83 19.28
CA LEU B 488 -16.37 28.59 19.89
C LEU B 488 -15.20 27.98 19.13
N ARG B 489 -15.10 28.26 17.83
CA ARG B 489 -13.94 27.80 17.06
C ARG B 489 -12.66 28.46 17.55
N GLN B 490 -12.65 29.79 17.57
CA GLN B 490 -11.50 30.54 18.07
C GLN B 490 -11.03 30.00 19.42
N ARG B 491 -11.94 29.81 20.35
CA ARG B 491 -11.53 29.29 21.65
C ARG B 491 -10.84 27.93 21.48
N VAL B 492 -11.35 27.09 20.57
CA VAL B 492 -10.75 25.76 20.39
C VAL B 492 -9.40 25.88 19.70
N GLU B 493 -9.35 26.63 18.58
CA GLU B 493 -8.10 26.82 17.86
C GLU B 493 -7.05 27.48 18.76
N GLN B 494 -7.39 28.63 19.34
CA GLN B 494 -6.49 29.30 20.28
C GLN B 494 -5.91 28.33 21.29
N PHE B 495 -6.72 27.39 21.77
CA PHE B 495 -6.25 26.46 22.81
C PHE B 495 -5.39 25.34 22.22
N ALA B 496 -5.68 24.91 21.00
CA ALA B 496 -4.97 23.77 20.43
C ALA B 496 -3.60 24.17 19.93
N ARG B 497 -3.50 25.31 19.24
CA ARG B 497 -2.24 25.75 18.65
C ARG B 497 -1.12 25.80 19.68
N ALA B 498 -1.45 26.09 20.94
CA ALA B 498 -0.42 26.33 21.93
C ALA B 498 0.46 25.10 22.14
N PHE B 499 -0.10 23.90 21.97
CA PHE B 499 0.61 22.66 22.25
C PHE B 499 1.62 22.34 21.14
N PRO B 500 2.60 21.49 21.43
CA PRO B 500 3.55 21.10 20.39
C PRO B 500 2.91 20.16 19.38
N MET B 501 3.61 19.99 18.27
CA MET B 501 3.14 19.11 17.19
C MET B 501 4.30 18.31 16.63
N PRO B 502 4.26 16.98 16.70
CA PRO B 502 5.29 16.18 16.05
C PRO B 502 5.31 16.40 14.53
N GLY B 503 6.43 16.06 13.92
CA GLY B 503 6.60 16.18 12.49
C GLY B 503 7.51 17.32 12.08
N PHE B 504 7.42 17.68 10.80
CA PHE B 504 8.11 18.84 10.28
C PHE B 504 7.39 20.12 10.69
N ASP B 505 8.10 21.25 10.55
CA ASP B 505 7.56 22.52 11.01
C ASP B 505 6.35 22.97 10.18
N GLU B 506 6.49 23.02 8.85
CA GLU B 506 5.52 23.69 8.00
C GLU B 506 4.71 22.75 7.12
N HIS B 507 4.93 21.44 7.19
CA HIS B 507 4.25 20.54 6.27
C HIS B 507 4.23 19.10 6.75
#